data_6TI2
#
_entry.id   6TI2
#
_cell.length_a   57.740
_cell.length_b   124.580
_cell.length_c   98.210
_cell.angle_alpha   90.000
_cell.angle_beta   96.216
_cell.angle_gamma   90.000
#
_symmetry.space_group_name_H-M   'P 1 21 1'
#
loop_
_entity.id
_entity.type
_entity.pdbx_description
1 polymer 'Chromosome 16, whole genome shotgun sequence'
2 polymer 'Ripening-related protein 3'
3 water water
#
loop_
_entity_poly.entity_id
_entity_poly.type
_entity_poly.pdbx_seq_one_letter_code
_entity_poly.pdbx_strand_id
1 'polypeptide(L)'
;MAAVSGKSEAAEIEAGDRLDALRDQLQRYETPIIQTILARSALGGRAPSEQDEVRAALSRNAFEPSEVISEWLQTESGAR
FRSTRPLPPAVEFITPVVLSRDTVLDKPVVGKGIFPIGRRPQDPTNMDEFLDTSLLSLNQSSTVDLASAVSLDVSLLHLV
SARVLLGYPIALAKFDWLHDNFCHILTNTTLSKSQKLANIIQQLTDHKQEVNVLSRVEQKSKSLSHLFRNDIPYPPHTQD
RILRLFQAYLIPITTQIEAAAILDHANKCTLEHHHHHH
;
B,C
2 'polypeptide(L)'
;MAGVGAVAAAMFMFLLVALSAPHTASSLRPGASLGTCRASGYLPGRSGNCEKSNDPDCCEDGKMYPQYRCSPPVTASTRA
VLTLNSFEKGKDGGGPSECDNAYHSDQEKVVALSTGWFSNMARCGHRIKISAANGNSVYAKVVDECDSVHGCDDEHNFEP
PCDNNIVDASPAVWDALGLDQNVGMVDITWSEQHHHHHH
;
E,A
#
# COMPACT_ATOMS: atom_id res chain seq x y z
N SER A 8 -41.50 -20.31 1.90
CA SER A 8 -40.12 -20.60 1.51
C SER A 8 -39.37 -19.33 1.14
N GLU A 9 -40.04 -18.19 1.26
CA GLU A 9 -39.37 -16.94 0.94
C GLU A 9 -38.61 -16.37 2.13
N ALA A 10 -38.79 -16.92 3.33
CA ALA A 10 -37.83 -16.65 4.40
C ALA A 10 -36.46 -17.21 4.03
N ALA A 11 -36.42 -18.36 3.37
CA ALA A 11 -35.16 -18.94 2.95
C ALA A 11 -34.51 -18.10 1.85
N GLU A 12 -35.31 -17.55 0.94
CA GLU A 12 -34.77 -16.70 -0.11
C GLU A 12 -34.17 -15.43 0.47
N ILE A 13 -34.81 -14.85 1.49
CA ILE A 13 -34.26 -13.68 2.16
C ILE A 13 -33.02 -14.07 2.97
N GLU A 14 -33.02 -15.27 3.56
CA GLU A 14 -31.88 -15.70 4.36
C GLU A 14 -30.63 -15.86 3.49
N ALA A 15 -30.81 -16.38 2.27
CA ALA A 15 -29.67 -16.54 1.37
C ALA A 15 -29.15 -15.19 0.89
N GLY A 16 -30.04 -14.22 0.68
CA GLY A 16 -29.59 -12.89 0.34
C GLY A 16 -28.69 -12.30 1.41
N ASP A 17 -28.98 -12.60 2.68
CA ASP A 17 -28.15 -12.08 3.76
C ASP A 17 -26.75 -12.67 3.75
N ARG A 18 -26.61 -13.94 3.40
CA ARG A 18 -25.28 -14.53 3.34
C ARG A 18 -24.57 -14.24 2.02
N LEU A 19 -25.30 -13.94 0.95
CA LEU A 19 -24.65 -13.45 -0.26
C LEU A 19 -23.92 -12.14 0.01
N ASP A 20 -24.55 -11.25 0.78
CA ASP A 20 -23.90 -9.98 1.12
C ASP A 20 -22.71 -10.19 2.05
N ALA A 21 -22.78 -11.18 2.95
CA ALA A 21 -21.61 -11.52 3.76
C ALA A 21 -20.51 -12.15 2.90
N LEU A 22 -20.90 -13.00 1.94
CA LEU A 22 -19.92 -13.57 1.03
C LEU A 22 -19.30 -12.51 0.13
N ARG A 23 -20.09 -11.49 -0.25
CA ARG A 23 -19.54 -10.41 -1.06
C ARG A 23 -18.50 -9.61 -0.28
N ASP A 24 -18.73 -9.43 1.02
CA ASP A 24 -17.74 -8.73 1.84
C ASP A 24 -16.43 -9.52 1.89
N GLN A 25 -16.51 -10.84 2.02
CA GLN A 25 -15.30 -11.66 2.06
C GLN A 25 -14.52 -11.57 0.75
N LEU A 26 -15.24 -11.55 -0.37
CA LEU A 26 -14.57 -11.49 -1.67
C LEU A 26 -13.85 -10.15 -1.85
N GLN A 27 -14.48 -9.05 -1.42
CA GLN A 27 -13.87 -7.75 -1.63
C GLN A 27 -12.64 -7.54 -0.74
N ARG A 28 -12.57 -8.21 0.42
CA ARG A 28 -11.37 -8.07 1.24
C ARG A 28 -10.15 -8.74 0.63
N TYR A 29 -10.30 -9.53 -0.44
CA TYR A 29 -9.10 -10.08 -1.07
C TYR A 29 -8.40 -9.05 -1.95
N GLU A 30 -9.10 -7.98 -2.36
CA GLU A 30 -8.51 -6.99 -3.25
C GLU A 30 -7.21 -6.42 -2.70
N THR A 31 -7.31 -5.76 -1.54
CA THR A 31 -6.14 -5.11 -0.96
C THR A 31 -4.99 -6.09 -0.73
N PRO A 32 -5.17 -7.21 -0.01
CA PRO A 32 -4.05 -8.16 0.15
C PRO A 32 -3.39 -8.58 -1.15
N ILE A 33 -4.17 -8.82 -2.21
CA ILE A 33 -3.57 -9.17 -3.50
C ILE A 33 -2.71 -8.01 -4.01
N ILE A 34 -3.28 -6.80 -4.02
CA ILE A 34 -2.54 -5.64 -4.50
C ILE A 34 -1.33 -5.36 -3.62
N GLN A 35 -1.48 -5.54 -2.31
CA GLN A 35 -0.34 -5.31 -1.42
C GLN A 35 0.76 -6.33 -1.66
N THR A 36 0.41 -7.61 -1.83
CA THR A 36 1.43 -8.64 -1.98
C THR A 36 2.17 -8.50 -3.30
N ILE A 37 1.45 -8.10 -4.37
CA ILE A 37 2.12 -7.82 -5.64
C ILE A 37 3.12 -6.68 -5.48
N LEU A 38 2.71 -5.62 -4.81
CA LEU A 38 3.60 -4.47 -4.64
C LEU A 38 4.76 -4.77 -3.72
N ALA A 39 4.56 -5.63 -2.72
CA ALA A 39 5.65 -6.04 -1.86
C ALA A 39 6.70 -6.80 -2.66
N ARG A 40 6.27 -7.77 -3.46
CA ARG A 40 7.21 -8.57 -4.24
C ARG A 40 7.96 -7.69 -5.25
N SER A 41 7.25 -6.80 -5.92
CA SER A 41 7.87 -5.99 -6.96
C SER A 41 8.78 -4.91 -6.38
N ALA A 42 8.49 -4.44 -5.17
CA ALA A 42 9.40 -3.51 -4.51
C ALA A 42 10.65 -4.20 -3.98
N LEU A 43 10.60 -5.52 -3.80
CA LEU A 43 11.73 -6.23 -3.19
C LEU A 43 12.96 -6.22 -4.09
N GLY A 44 12.77 -6.37 -5.40
CA GLY A 44 13.85 -6.36 -6.35
C GLY A 44 13.63 -7.38 -7.43
N GLY A 45 14.72 -7.75 -8.10
CA GLY A 45 14.65 -8.67 -9.22
C GLY A 45 14.34 -10.09 -8.79
N ARG A 46 14.35 -10.98 -9.78
CA ARG A 46 14.04 -12.38 -9.54
C ARG A 46 15.30 -13.14 -9.17
N ALA A 47 15.15 -14.04 -8.20
CA ALA A 47 16.26 -14.86 -7.72
C ALA A 47 16.51 -16.02 -8.69
N PRO A 48 17.73 -16.55 -8.70
CA PRO A 48 18.03 -17.69 -9.58
C PRO A 48 17.10 -18.87 -9.30
N SER A 49 16.44 -19.33 -10.37
CA SER A 49 15.57 -20.51 -10.31
C SER A 49 14.51 -20.39 -9.24
N GLU A 50 14.03 -19.17 -8.98
CA GLU A 50 12.99 -19.04 -7.97
C GLU A 50 11.64 -19.53 -8.46
N GLN A 51 11.42 -19.60 -9.78
CA GLN A 51 10.25 -20.30 -10.28
C GLN A 51 10.29 -21.78 -9.87
N ASP A 52 11.48 -22.38 -9.88
CA ASP A 52 11.63 -23.74 -9.39
C ASP A 52 11.43 -23.80 -7.88
N GLU A 53 11.92 -22.79 -7.16
CA GLU A 53 11.83 -22.80 -5.71
C GLU A 53 10.39 -22.65 -5.24
N VAL A 54 9.56 -21.90 -5.99
CA VAL A 54 8.18 -21.69 -5.61
C VAL A 54 7.40 -23.00 -5.68
N ARG A 55 7.60 -23.78 -6.73
CA ARG A 55 6.94 -25.07 -6.86
C ARG A 55 7.42 -26.03 -5.79
N ALA A 56 8.72 -26.01 -5.49
CA ALA A 56 9.24 -26.83 -4.38
C ALA A 56 8.57 -26.45 -3.07
N ALA A 57 8.39 -25.15 -2.82
CA ALA A 57 7.74 -24.71 -1.58
C ALA A 57 6.27 -25.12 -1.57
N LEU A 58 5.57 -24.96 -2.69
CA LEU A 58 4.19 -25.43 -2.79
C LEU A 58 4.11 -26.94 -2.54
N SER A 59 5.07 -27.69 -3.11
CA SER A 59 5.08 -29.14 -2.93
C SER A 59 5.34 -29.51 -1.48
N ARG A 60 6.28 -28.83 -0.82
CA ARG A 60 6.62 -29.16 0.56
C ARG A 60 5.59 -28.64 1.56
N ASN A 61 4.74 -27.67 1.18
CA ASN A 61 3.65 -27.20 2.03
C ASN A 61 2.37 -27.20 1.21
N ALA A 62 1.78 -28.38 1.05
CA ALA A 62 0.56 -28.52 0.26
C ALA A 62 -0.64 -28.33 1.17
N PHE A 63 -1.22 -27.13 1.12
CA PHE A 63 -2.47 -26.90 1.83
C PHE A 63 -3.62 -27.38 0.96
N GLU A 64 -4.36 -28.37 1.45
CA GLU A 64 -5.54 -28.82 0.74
C GLU A 64 -6.70 -27.87 1.02
N PRO A 65 -7.66 -27.77 0.10
CA PRO A 65 -8.78 -26.86 0.31
C PRO A 65 -9.76 -27.43 1.33
N SER A 66 -10.72 -26.58 1.71
CA SER A 66 -11.85 -27.02 2.50
C SER A 66 -12.49 -28.23 1.84
N GLU A 67 -13.10 -29.10 2.65
CA GLU A 67 -13.65 -30.34 2.11
C GLU A 67 -14.69 -30.06 1.03
N VAL A 68 -15.61 -29.12 1.28
CA VAL A 68 -16.65 -28.82 0.29
C VAL A 68 -16.02 -28.52 -1.07
N ILE A 69 -14.97 -27.69 -1.08
CA ILE A 69 -14.26 -27.41 -2.34
C ILE A 69 -13.53 -28.65 -2.83
N SER A 70 -12.95 -29.42 -1.91
CA SER A 70 -12.30 -30.68 -2.30
C SER A 70 -13.30 -31.62 -2.96
N GLU A 71 -14.49 -31.75 -2.37
CA GLU A 71 -15.52 -32.62 -2.95
C GLU A 71 -15.93 -32.12 -4.32
N TRP A 72 -15.99 -30.81 -4.51
CA TRP A 72 -16.37 -30.24 -5.79
C TRP A 72 -15.25 -30.34 -6.83
N LEU A 73 -14.00 -30.34 -6.39
CA LEU A 73 -12.88 -30.39 -7.33
C LEU A 73 -12.70 -31.76 -7.97
N GLN A 74 -13.43 -32.78 -7.50
CA GLN A 74 -13.31 -34.11 -8.08
C GLN A 74 -14.58 -34.57 -8.81
N THR A 75 -15.60 -33.73 -8.89
CA THR A 75 -16.65 -34.01 -9.85
C THR A 75 -16.32 -33.35 -11.19
N GLU A 76 -17.05 -33.76 -12.23
CA GLU A 76 -16.72 -33.38 -13.60
C GLU A 76 -16.72 -31.87 -13.78
N SER A 77 -17.80 -31.20 -13.35
CA SER A 77 -17.91 -29.76 -13.56
C SER A 77 -16.88 -28.98 -12.76
N GLY A 78 -16.44 -29.51 -11.62
CA GLY A 78 -15.49 -28.82 -10.77
C GLY A 78 -14.04 -29.11 -11.09
N ALA A 79 -13.77 -30.31 -11.62
CA ALA A 79 -12.41 -30.68 -12.00
C ALA A 79 -11.86 -29.87 -13.15
N ARG A 80 -12.67 -28.99 -13.76
CA ARG A 80 -12.16 -28.06 -14.75
C ARG A 80 -11.24 -27.02 -14.12
N PHE A 81 -11.35 -26.81 -12.80
CA PHE A 81 -10.52 -25.88 -12.06
C PHE A 81 -9.49 -26.60 -11.20
N ARG A 82 -9.38 -27.92 -11.35
CA ARG A 82 -8.32 -28.69 -10.71
C ARG A 82 -7.00 -28.41 -11.41
N SER A 83 -5.95 -28.15 -10.62
CA SER A 83 -4.65 -27.84 -11.18
C SER A 83 -3.68 -28.99 -10.93
N THR A 84 -2.67 -29.07 -11.81
CA THR A 84 -1.57 -30.00 -11.60
C THR A 84 -0.90 -29.72 -10.25
N ARG A 85 -0.65 -30.78 -9.49
CA ARG A 85 0.14 -30.64 -8.28
C ARG A 85 1.46 -29.94 -8.61
N PRO A 86 1.97 -29.05 -7.73
CA PRO A 86 1.41 -28.65 -6.44
C PRO A 86 0.63 -27.32 -6.49
N LEU A 87 0.21 -26.90 -7.68
CA LEU A 87 -0.43 -25.60 -7.82
C LEU A 87 -1.79 -25.59 -7.11
N PRO A 88 -2.18 -24.47 -6.51
CA PRO A 88 -3.52 -24.37 -5.92
C PRO A 88 -4.59 -24.37 -6.99
N PRO A 89 -5.85 -24.58 -6.63
CA PRO A 89 -6.91 -24.69 -7.63
C PRO A 89 -7.08 -23.42 -8.47
N ALA A 90 -7.55 -23.61 -9.70
CA ALA A 90 -8.06 -22.56 -10.57
C ALA A 90 -6.98 -21.65 -11.16
N VAL A 91 -5.73 -21.80 -10.71
CA VAL A 91 -4.67 -20.95 -11.26
C VAL A 91 -4.26 -21.36 -12.65
N GLU A 92 -4.72 -22.52 -13.13
CA GLU A 92 -4.41 -22.99 -14.48
C GLU A 92 -5.57 -22.88 -15.44
N PHE A 93 -6.78 -22.61 -14.95
CA PHE A 93 -7.95 -22.52 -15.82
C PHE A 93 -7.78 -21.40 -16.84
N ILE A 94 -7.98 -21.73 -18.11
CA ILE A 94 -7.82 -20.78 -19.21
C ILE A 94 -9.19 -20.24 -19.61
N THR A 95 -9.31 -18.92 -19.63
CA THR A 95 -10.48 -18.23 -20.15
C THR A 95 -10.34 -18.07 -21.66
N PRO A 96 -11.46 -18.09 -22.40
CA PRO A 96 -11.38 -17.89 -23.85
C PRO A 96 -11.00 -16.47 -24.21
N VAL A 97 -10.30 -16.33 -25.33
CA VAL A 97 -9.98 -15.02 -25.89
C VAL A 97 -11.29 -14.37 -26.34
N VAL A 98 -11.70 -13.29 -25.69
CA VAL A 98 -12.99 -12.67 -25.96
C VAL A 98 -12.89 -11.26 -26.52
N LEU A 99 -11.73 -10.62 -26.50
CA LEU A 99 -11.60 -9.28 -27.07
C LEU A 99 -10.31 -9.19 -27.88
N SER A 100 -10.26 -8.19 -28.76
CA SER A 100 -9.28 -8.16 -29.83
C SER A 100 -7.94 -7.58 -29.37
N ARG A 101 -6.95 -7.66 -30.27
CA ARG A 101 -5.57 -7.39 -29.90
C ARG A 101 -5.32 -5.90 -29.66
N ASP A 102 -6.12 -5.02 -30.28
CA ASP A 102 -5.95 -3.58 -30.11
C ASP A 102 -6.98 -2.97 -29.17
N THR A 103 -7.73 -3.80 -28.44
CA THR A 103 -8.73 -3.33 -27.50
C THR A 103 -8.15 -2.28 -26.56
N VAL A 104 -8.91 -1.20 -26.35
CA VAL A 104 -8.59 -0.25 -25.28
C VAL A 104 -9.15 -0.79 -23.98
N LEU A 105 -8.29 -0.97 -22.98
CA LEU A 105 -8.64 -1.69 -21.77
C LEU A 105 -9.11 -0.79 -20.63
N ASP A 106 -8.64 0.47 -20.58
CA ASP A 106 -8.72 1.19 -19.32
C ASP A 106 -9.09 2.67 -19.47
N LYS A 107 -9.71 3.09 -20.57
CA LYS A 107 -10.10 4.48 -20.77
C LYS A 107 -11.40 4.49 -21.55
N PRO A 108 -12.26 5.50 -21.34
CA PRO A 108 -13.59 5.45 -21.96
C PRO A 108 -13.52 5.56 -23.47
N VAL A 109 -14.30 4.72 -24.15
CA VAL A 109 -14.40 4.74 -25.60
C VAL A 109 -15.86 4.94 -25.97
N VAL A 110 -16.14 6.03 -26.69
CA VAL A 110 -17.49 6.31 -27.16
C VAL A 110 -18.05 5.10 -27.88
N GLY A 111 -19.22 4.65 -27.45
CA GLY A 111 -19.92 3.56 -28.11
C GLY A 111 -19.57 2.17 -27.61
N LYS A 112 -18.57 2.03 -26.75
CA LYS A 112 -18.23 0.70 -26.24
C LYS A 112 -18.11 0.65 -24.73
N GLY A 113 -17.68 1.74 -24.10
CA GLY A 113 -17.65 1.80 -22.65
C GLY A 113 -16.28 1.90 -22.00
N ILE A 114 -16.05 1.12 -20.95
CA ILE A 114 -14.77 1.09 -20.26
C ILE A 114 -14.68 -0.23 -19.50
N PHE A 115 -13.45 -0.68 -19.27
CA PHE A 115 -13.11 -1.91 -18.57
C PHE A 115 -13.74 -3.16 -19.19
N PRO A 116 -13.45 -3.45 -20.46
CA PRO A 116 -13.90 -4.74 -21.01
C PRO A 116 -13.15 -5.89 -20.34
N ILE A 117 -13.89 -6.91 -19.97
CA ILE A 117 -13.35 -8.04 -19.22
C ILE A 117 -13.00 -9.18 -20.17
N GLY A 118 -11.85 -9.81 -19.94
CA GLY A 118 -11.46 -10.98 -20.69
C GLY A 118 -10.03 -10.87 -21.20
N ARG A 119 -9.64 -11.91 -21.95
CA ARG A 119 -8.28 -12.07 -22.45
C ARG A 119 -8.19 -11.66 -23.92
N ARG A 120 -7.14 -10.93 -24.26
CA ARG A 120 -6.78 -10.67 -25.64
C ARG A 120 -5.90 -11.81 -26.15
N PRO A 121 -5.65 -11.87 -27.46
CA PRO A 121 -4.72 -12.91 -27.96
C PRO A 121 -3.36 -12.88 -27.29
N GLN A 122 -2.84 -11.69 -26.98
CA GLN A 122 -1.49 -11.56 -26.43
C GLN A 122 -1.44 -11.59 -24.92
N ASP A 123 -2.59 -11.78 -24.23
CA ASP A 123 -2.37 -11.94 -22.80
C ASP A 123 -2.20 -13.41 -22.44
N PRO A 124 -1.42 -13.71 -21.39
CA PRO A 124 -1.15 -15.12 -21.03
C PRO A 124 -2.41 -15.96 -20.86
N THR A 125 -2.25 -17.28 -20.81
CA THR A 125 -3.43 -18.15 -20.83
C THR A 125 -4.14 -18.20 -19.48
N ASN A 126 -3.39 -18.31 -18.39
CA ASN A 126 -3.97 -18.49 -17.06
C ASN A 126 -3.16 -17.69 -16.06
N MET A 127 -3.70 -17.54 -14.85
CA MET A 127 -3.05 -16.72 -13.83
C MET A 127 -1.64 -17.18 -13.54
N ASP A 128 -1.39 -18.50 -13.61
CA ASP A 128 -0.04 -19.00 -13.38
C ASP A 128 0.92 -18.51 -14.45
N GLU A 129 0.51 -18.62 -15.73
CA GLU A 129 1.32 -18.05 -16.80
C GLU A 129 1.51 -16.55 -16.60
N PHE A 130 0.43 -15.84 -16.24
CA PHE A 130 0.49 -14.39 -16.11
C PHE A 130 1.46 -13.96 -15.03
N LEU A 131 1.29 -14.49 -13.82
CA LEU A 131 2.22 -14.16 -12.73
C LEU A 131 3.63 -14.66 -13.02
N ASP A 132 3.77 -15.66 -13.90
CA ASP A 132 5.09 -16.14 -14.26
C ASP A 132 5.79 -15.19 -15.22
N THR A 133 5.06 -14.59 -16.17
CA THR A 133 5.71 -13.67 -17.09
C THR A 133 6.08 -12.36 -16.41
N SER A 134 5.30 -11.93 -15.42
CA SER A 134 5.67 -10.74 -14.65
C SER A 134 6.98 -10.96 -13.92
N LEU A 135 7.12 -12.10 -13.27
CA LEU A 135 8.38 -12.45 -12.61
C LEU A 135 9.53 -12.49 -13.61
N LEU A 136 9.29 -13.10 -14.78
CA LEU A 136 10.33 -13.17 -15.81
C LEU A 136 10.64 -11.79 -16.38
N SER A 137 9.69 -10.86 -16.29
CA SER A 137 9.93 -9.50 -16.79
C SER A 137 10.97 -8.76 -15.95
N LEU A 138 11.28 -9.24 -14.76
CA LEU A 138 12.20 -8.53 -13.88
C LEU A 138 13.65 -8.93 -14.15
N ASN A 139 14.56 -8.04 -13.75
CA ASN A 139 15.97 -8.36 -13.81
C ASN A 139 16.30 -9.57 -12.94
N GLN A 140 17.25 -10.36 -13.40
CA GLN A 140 17.86 -11.38 -12.55
C GLN A 140 18.83 -10.70 -11.61
N SER A 141 18.74 -11.01 -10.32
CA SER A 141 19.49 -10.28 -9.30
C SER A 141 20.23 -11.24 -8.37
N SER A 142 21.40 -10.81 -7.93
CA SER A 142 22.21 -11.55 -6.98
C SER A 142 21.95 -11.14 -5.53
N THR A 143 21.21 -10.06 -5.30
CA THR A 143 21.04 -9.52 -3.95
C THR A 143 19.69 -9.81 -3.33
N VAL A 144 18.70 -10.30 -4.11
CA VAL A 144 17.37 -10.48 -3.56
C VAL A 144 17.35 -11.71 -2.66
N ASP A 145 16.69 -11.59 -1.50
CA ASP A 145 16.60 -12.68 -0.55
C ASP A 145 15.64 -13.74 -1.08
N LEU A 146 16.15 -14.96 -1.28
CA LEU A 146 15.36 -16.01 -1.90
C LEU A 146 14.15 -16.39 -1.04
N ALA A 147 14.37 -16.52 0.28
CA ALA A 147 13.28 -16.90 1.17
C ALA A 147 12.12 -15.90 1.09
N SER A 148 12.45 -14.61 1.15
CA SER A 148 11.40 -13.58 1.09
C SER A 148 10.74 -13.56 -0.28
N ALA A 149 11.54 -13.65 -1.35
CA ALA A 149 10.97 -13.64 -2.70
C ALA A 149 10.04 -14.82 -2.91
N VAL A 150 10.51 -16.03 -2.62
CA VAL A 150 9.71 -17.23 -2.85
C VAL A 150 8.41 -17.17 -2.07
N SER A 151 8.47 -16.76 -0.80
CA SER A 151 7.29 -16.80 0.06
C SER A 151 6.22 -15.83 -0.41
N LEU A 152 6.61 -14.64 -0.84
CA LEU A 152 5.63 -13.70 -1.37
C LEU A 152 4.98 -14.23 -2.64
N ASP A 153 5.78 -14.85 -3.52
CA ASP A 153 5.22 -15.49 -4.71
C ASP A 153 4.23 -16.58 -4.32
N VAL A 154 4.59 -17.41 -3.34
CA VAL A 154 3.66 -18.42 -2.83
C VAL A 154 2.38 -17.77 -2.32
N SER A 155 2.53 -16.76 -1.45
CA SER A 155 1.37 -16.13 -0.82
C SER A 155 0.43 -15.52 -1.85
N LEU A 156 0.97 -15.00 -2.95
CA LEU A 156 0.11 -14.48 -4.02
C LEU A 156 -0.71 -15.60 -4.65
N LEU A 157 -0.09 -16.76 -4.89
CA LEU A 157 -0.78 -17.85 -5.56
C LEU A 157 -1.94 -18.39 -4.73
N HIS A 158 -1.77 -18.45 -3.41
CA HIS A 158 -2.89 -18.87 -2.57
C HIS A 158 -3.95 -17.79 -2.49
N LEU A 159 -3.55 -16.52 -2.57
CA LEU A 159 -4.52 -15.42 -2.51
C LEU A 159 -5.44 -15.42 -3.72
N VAL A 160 -4.87 -15.54 -4.93
CA VAL A 160 -5.68 -15.46 -6.14
C VAL A 160 -6.59 -16.67 -6.28
N SER A 161 -6.15 -17.85 -5.82
CA SER A 161 -6.99 -19.02 -5.91
C SER A 161 -8.10 -19.00 -4.87
N ALA A 162 -7.77 -18.58 -3.65
CA ALA A 162 -8.81 -18.43 -2.62
C ALA A 162 -9.85 -17.40 -3.04
N ARG A 163 -9.42 -16.34 -3.75
CA ARG A 163 -10.36 -15.30 -4.17
C ARG A 163 -11.38 -15.86 -5.14
N VAL A 164 -10.92 -16.47 -6.24
CA VAL A 164 -11.83 -16.92 -7.28
C VAL A 164 -12.69 -18.08 -6.79
N LEU A 165 -12.20 -18.88 -5.84
CA LEU A 165 -12.96 -20.03 -5.37
C LEU A 165 -14.14 -19.62 -4.51
N LEU A 166 -14.11 -18.43 -3.91
CA LEU A 166 -15.29 -17.94 -3.23
C LEU A 166 -16.47 -17.75 -4.19
N GLY A 167 -16.24 -17.87 -5.50
CA GLY A 167 -17.34 -17.85 -6.45
C GLY A 167 -18.33 -18.98 -6.24
N TYR A 168 -17.87 -20.10 -5.71
CA TYR A 168 -18.74 -21.27 -5.57
C TYR A 168 -19.68 -21.12 -4.37
N PRO A 169 -19.22 -20.63 -3.21
CA PRO A 169 -20.21 -20.24 -2.18
C PRO A 169 -21.12 -19.11 -2.65
N ILE A 170 -20.57 -18.10 -3.34
CA ILE A 170 -21.39 -17.01 -3.86
C ILE A 170 -22.46 -17.54 -4.81
N ALA A 171 -22.09 -18.49 -5.67
CA ALA A 171 -23.02 -19.03 -6.64
C ALA A 171 -24.24 -19.66 -5.96
N LEU A 172 -23.98 -20.55 -5.00
CA LEU A 172 -25.08 -21.21 -4.32
C LEU A 172 -25.91 -20.23 -3.50
N ALA A 173 -25.28 -19.19 -2.95
CA ALA A 173 -26.05 -18.15 -2.27
C ALA A 173 -26.97 -17.41 -3.24
N LYS A 174 -26.45 -17.08 -4.43
CA LYS A 174 -27.29 -16.48 -5.47
C LYS A 174 -28.40 -17.44 -5.90
N PHE A 175 -28.05 -18.71 -6.11
CA PHE A 175 -29.04 -19.71 -6.50
C PHE A 175 -30.16 -19.81 -5.46
N ASP A 176 -29.78 -19.88 -4.19
CA ASP A 176 -30.77 -19.98 -3.12
C ASP A 176 -31.74 -18.81 -3.12
N TRP A 177 -31.24 -17.59 -3.36
CA TRP A 177 -32.09 -16.40 -3.38
C TRP A 177 -32.88 -16.31 -4.67
N LEU A 178 -32.25 -16.63 -5.80
CA LEU A 178 -32.83 -16.45 -7.14
C LEU A 178 -33.18 -17.77 -7.79
N HIS A 179 -33.74 -18.72 -7.04
CA HIS A 179 -33.92 -20.07 -7.57
C HIS A 179 -34.92 -20.09 -8.72
N ASP A 180 -35.96 -19.26 -8.65
CA ASP A 180 -36.93 -19.20 -9.74
C ASP A 180 -36.25 -18.87 -11.06
N ASN A 181 -35.35 -17.88 -11.07
CA ASN A 181 -34.69 -17.47 -12.30
C ASN A 181 -33.85 -18.59 -12.88
N PHE A 182 -33.04 -19.24 -12.05
CA PHE A 182 -32.12 -20.25 -12.55
C PHE A 182 -32.81 -21.55 -12.90
N CYS A 183 -33.85 -21.94 -12.15
CA CYS A 183 -34.55 -23.20 -12.44
C CYS A 183 -35.31 -23.12 -13.76
N HIS A 184 -35.77 -21.92 -14.14
CA HIS A 184 -36.42 -21.76 -15.43
C HIS A 184 -35.48 -22.05 -16.59
N ILE A 185 -34.18 -22.00 -16.36
CA ILE A 185 -33.21 -22.43 -17.36
C ILE A 185 -32.78 -23.87 -17.13
N LEU A 186 -32.59 -24.26 -15.86
CA LEU A 186 -32.03 -25.56 -15.54
C LEU A 186 -32.97 -26.71 -15.84
N THR A 187 -34.27 -26.45 -16.03
CA THR A 187 -35.21 -27.50 -16.39
C THR A 187 -35.53 -27.52 -17.88
N ASN A 188 -35.63 -26.36 -18.54
CA ASN A 188 -35.96 -26.32 -19.95
C ASN A 188 -35.00 -27.23 -20.71
N THR A 189 -35.55 -28.30 -21.30
CA THR A 189 -34.79 -29.34 -21.97
C THR A 189 -34.42 -28.99 -23.41
N THR A 190 -34.95 -27.89 -23.95
CA THR A 190 -34.73 -27.60 -25.35
C THR A 190 -33.24 -27.44 -25.64
N LEU A 191 -32.51 -26.82 -24.72
CA LEU A 191 -31.13 -26.39 -24.93
C LEU A 191 -30.12 -27.46 -24.50
N SER A 192 -28.88 -27.24 -24.94
CA SER A 192 -27.68 -28.04 -24.70
C SER A 192 -27.31 -27.98 -23.21
N LYS A 193 -26.18 -28.61 -22.83
CA LYS A 193 -25.56 -28.27 -21.56
C LYS A 193 -24.85 -26.92 -21.68
N SER A 194 -24.09 -26.73 -22.77
CA SER A 194 -23.41 -25.46 -22.96
C SER A 194 -24.40 -24.31 -23.16
N GLN A 195 -25.51 -24.56 -23.87
CA GLN A 195 -26.47 -23.48 -24.07
C GLN A 195 -27.07 -23.00 -22.75
N LYS A 196 -27.27 -23.90 -21.79
CA LYS A 196 -27.65 -23.46 -20.46
C LYS A 196 -26.53 -22.69 -19.80
N LEU A 197 -25.29 -23.18 -19.93
CA LEU A 197 -24.16 -22.52 -19.28
C LEU A 197 -24.05 -21.05 -19.72
N ALA A 198 -24.24 -20.79 -21.01
CA ALA A 198 -24.20 -19.41 -21.48
C ALA A 198 -25.34 -18.60 -20.86
N ASN A 199 -26.53 -19.19 -20.77
CA ASN A 199 -27.68 -18.49 -20.20
C ASN A 199 -27.42 -18.09 -18.76
N ILE A 200 -26.88 -19.01 -17.96
CA ILE A 200 -26.67 -18.73 -16.55
C ILE A 200 -25.61 -17.66 -16.35
N ILE A 201 -24.61 -17.60 -17.24
CA ILE A 201 -23.61 -16.54 -17.13
C ILE A 201 -24.21 -15.20 -17.56
N GLN A 202 -25.09 -15.21 -18.56
CA GLN A 202 -25.80 -13.99 -18.92
C GLN A 202 -26.57 -13.43 -17.73
N GLN A 203 -27.12 -14.31 -16.89
CA GLN A 203 -27.83 -13.87 -15.69
C GLN A 203 -26.89 -13.60 -14.53
N LEU A 204 -25.67 -14.12 -14.56
CA LEU A 204 -24.67 -13.79 -13.56
C LEU A 204 -23.91 -12.52 -13.89
N THR A 205 -24.01 -12.01 -15.11
CA THR A 205 -23.27 -10.83 -15.51
C THR A 205 -23.84 -9.58 -14.85
N ASP A 206 -22.94 -8.74 -14.33
CA ASP A 206 -23.31 -7.46 -13.77
C ASP A 206 -22.12 -6.53 -14.05
N HIS A 207 -22.11 -5.93 -15.24
CA HIS A 207 -20.92 -5.17 -15.65
C HIS A 207 -20.83 -3.84 -14.92
N LYS A 208 -21.96 -3.29 -14.48
CA LYS A 208 -21.92 -2.01 -13.77
C LYS A 208 -21.07 -2.11 -12.51
N GLN A 209 -21.17 -3.22 -11.78
CA GLN A 209 -20.38 -3.36 -10.56
C GLN A 209 -19.01 -3.97 -10.80
N GLU A 210 -18.78 -4.59 -11.96
CA GLU A 210 -17.40 -4.89 -12.36
C GLU A 210 -16.63 -3.60 -12.60
N VAL A 211 -17.25 -2.62 -13.25
CA VAL A 211 -16.66 -1.30 -13.38
C VAL A 211 -16.49 -0.67 -12.00
N ASN A 212 -17.50 -0.83 -11.13
CA ASN A 212 -17.39 -0.37 -9.75
C ASN A 212 -16.16 -0.98 -9.06
N VAL A 213 -15.94 -2.28 -9.26
CA VAL A 213 -14.82 -2.96 -8.61
C VAL A 213 -13.50 -2.55 -9.26
N LEU A 214 -13.42 -2.65 -10.58
CA LEU A 214 -12.16 -2.40 -11.27
C LEU A 214 -11.66 -0.97 -11.05
N SER A 215 -12.57 -0.01 -10.88
CA SER A 215 -12.13 1.36 -10.70
C SER A 215 -11.53 1.57 -9.31
N ARG A 216 -12.08 0.90 -8.29
CA ARG A 216 -11.42 0.90 -7.00
C ARG A 216 -10.07 0.18 -7.08
N VAL A 217 -10.01 -0.91 -7.85
CA VAL A 217 -8.76 -1.62 -8.03
C VAL A 217 -7.73 -0.72 -8.70
N GLU A 218 -8.17 0.06 -9.71
CA GLU A 218 -7.26 1.00 -10.36
C GLU A 218 -6.75 2.04 -9.38
N GLN A 219 -7.67 2.66 -8.63
CA GLN A 219 -7.26 3.66 -7.65
C GLN A 219 -6.31 3.07 -6.61
N LYS A 220 -6.60 1.86 -6.13
CA LYS A 220 -5.73 1.20 -5.16
C LYS A 220 -4.33 0.96 -5.73
N SER A 221 -4.26 0.43 -6.96
CA SER A 221 -2.97 0.13 -7.55
C SER A 221 -2.16 1.38 -7.85
N LYS A 222 -2.80 2.54 -7.93
CA LYS A 222 -2.05 3.78 -8.13
C LYS A 222 -1.64 4.40 -6.79
N SER A 223 -2.58 4.57 -5.87
CA SER A 223 -2.25 5.15 -4.57
C SER A 223 -1.24 4.29 -3.82
N LEU A 224 -1.44 2.97 -3.82
CA LEU A 224 -0.56 2.10 -3.05
C LEU A 224 0.80 1.91 -3.72
N SER A 225 0.96 2.28 -4.98
CA SER A 225 2.27 2.26 -5.64
C SER A 225 2.92 3.65 -5.66
N HIS A 226 2.48 4.55 -4.78
CA HIS A 226 3.08 5.87 -4.69
C HIS A 226 4.54 5.77 -4.24
N LEU A 227 5.38 6.64 -4.82
CA LEU A 227 6.81 6.68 -4.54
C LEU A 227 7.07 7.65 -3.39
N PHE A 228 7.57 7.13 -2.28
CA PHE A 228 7.89 7.97 -1.14
C PHE A 228 9.32 8.48 -1.29
N ARG A 229 9.73 9.34 -0.35
CA ARG A 229 11.03 10.01 -0.40
C ARG A 229 12.16 9.02 -0.65
N ASN A 230 12.94 9.27 -1.71
CA ASN A 230 14.17 8.53 -2.04
C ASN A 230 13.91 7.05 -2.34
N ASP A 231 12.69 6.68 -2.69
CA ASP A 231 12.36 5.29 -3.00
C ASP A 231 12.79 4.94 -4.42
N ILE A 232 13.17 3.69 -4.62
CA ILE A 232 13.46 3.16 -5.94
C ILE A 232 12.14 2.94 -6.67
N PRO A 233 12.01 3.33 -7.93
CA PRO A 233 10.74 3.12 -8.64
C PRO A 233 10.42 1.64 -8.79
N TYR A 234 9.13 1.35 -8.87
CA TYR A 234 8.68 0.00 -9.17
C TYR A 234 9.08 -0.37 -10.60
N PRO A 235 9.12 -1.66 -10.92
CA PRO A 235 9.38 -2.09 -12.31
C PRO A 235 8.41 -1.45 -13.27
N PRO A 236 8.74 -1.39 -14.56
CA PRO A 236 7.80 -0.83 -15.53
C PRO A 236 6.54 -1.66 -15.62
N HIS A 237 5.39 -0.97 -15.52
CA HIS A 237 4.05 -1.49 -15.77
C HIS A 237 3.50 -2.36 -14.65
N THR A 238 4.01 -2.30 -13.41
CA THR A 238 3.40 -3.12 -12.36
C THR A 238 1.98 -2.67 -12.06
N GLN A 239 1.69 -1.37 -12.20
CA GLN A 239 0.33 -0.89 -11.96
C GLN A 239 -0.62 -1.35 -13.05
N ASP A 240 -0.16 -1.37 -14.30
CA ASP A 240 -0.98 -1.92 -15.38
C ASP A 240 -1.26 -3.40 -15.15
N ARG A 241 -0.25 -4.15 -14.71
CA ARG A 241 -0.42 -5.59 -14.55
C ARG A 241 -1.33 -5.92 -13.38
N ILE A 242 -1.36 -5.09 -12.35
CA ILE A 242 -2.27 -5.32 -11.22
C ILE A 242 -3.71 -5.32 -11.69
N LEU A 243 -4.13 -4.23 -12.34
CA LEU A 243 -5.51 -4.18 -12.83
C LEU A 243 -5.75 -5.24 -13.90
N ARG A 244 -4.75 -5.53 -14.71
CA ARG A 244 -4.89 -6.58 -15.71
C ARG A 244 -5.22 -7.91 -15.06
N LEU A 245 -4.71 -8.14 -13.85
CA LEU A 245 -4.98 -9.39 -13.14
C LEU A 245 -6.47 -9.51 -12.80
N PHE A 246 -7.06 -8.45 -12.25
CA PHE A 246 -8.49 -8.47 -11.96
C PHE A 246 -9.29 -8.47 -13.25
N GLN A 247 -8.97 -7.56 -14.17
CA GLN A 247 -9.80 -7.35 -15.34
C GLN A 247 -9.78 -8.53 -16.29
N ALA A 248 -8.67 -9.25 -16.37
CA ALA A 248 -8.55 -10.34 -17.34
C ALA A 248 -8.65 -11.73 -16.72
N TYR A 249 -8.43 -11.88 -15.42
CA TYR A 249 -8.56 -13.21 -14.84
C TYR A 249 -9.49 -13.33 -13.65
N LEU A 250 -9.28 -12.51 -12.62
CA LEU A 250 -10.01 -12.71 -11.37
C LEU A 250 -11.52 -12.61 -11.60
N ILE A 251 -11.97 -11.54 -12.26
CA ILE A 251 -13.39 -11.34 -12.51
C ILE A 251 -13.95 -12.46 -13.39
N PRO A 252 -13.40 -12.73 -14.59
CA PRO A 252 -14.02 -13.75 -15.44
C PRO A 252 -13.94 -15.16 -14.88
N ILE A 253 -12.79 -15.55 -14.32
CA ILE A 253 -12.67 -16.90 -13.74
C ILE A 253 -13.65 -17.08 -12.58
N THR A 254 -13.91 -16.02 -11.81
CA THR A 254 -14.83 -16.14 -10.68
C THR A 254 -16.25 -16.42 -11.15
N THR A 255 -16.74 -15.66 -12.13
CA THR A 255 -18.08 -15.91 -12.65
C THR A 255 -18.13 -17.24 -13.39
N GLN A 256 -17.01 -17.68 -13.98
CA GLN A 256 -16.96 -19.00 -14.59
C GLN A 256 -17.12 -20.09 -13.54
N ILE A 257 -16.42 -19.96 -12.41
CA ILE A 257 -16.56 -20.91 -11.32
C ILE A 257 -18.01 -20.92 -10.84
N GLU A 258 -18.61 -19.75 -10.67
CA GLU A 258 -19.95 -19.68 -10.09
C GLU A 258 -21.03 -20.03 -11.11
N ALA A 259 -20.71 -20.03 -12.40
CA ALA A 259 -21.61 -20.62 -13.38
C ALA A 259 -21.60 -22.15 -13.27
N ALA A 260 -20.39 -22.73 -13.22
CA ALA A 260 -20.28 -24.18 -13.09
C ALA A 260 -20.99 -24.67 -11.83
N ALA A 261 -20.92 -23.88 -10.76
CA ALA A 261 -21.55 -24.30 -9.50
C ALA A 261 -23.07 -24.41 -9.66
N ILE A 262 -23.67 -23.54 -10.46
CA ILE A 262 -25.13 -23.53 -10.57
C ILE A 262 -25.62 -24.73 -11.36
N LEU A 263 -24.94 -25.08 -12.46
CA LEU A 263 -25.37 -26.23 -13.24
C LEU A 263 -25.25 -27.52 -12.46
N ASP A 264 -24.22 -27.63 -11.61
CA ASP A 264 -24.08 -28.79 -10.73
C ASP A 264 -25.25 -28.97 -9.78
N HIS A 265 -26.10 -27.95 -9.63
CA HIS A 265 -27.18 -27.99 -8.65
C HIS A 265 -28.55 -27.92 -9.33
N ALA A 266 -28.66 -28.54 -10.52
CA ALA A 266 -29.92 -28.54 -11.25
C ALA A 266 -30.96 -29.47 -10.65
N ASN A 267 -30.58 -30.42 -9.79
CA ASN A 267 -31.66 -31.27 -9.31
C ASN A 267 -32.48 -30.58 -8.21
N LYS A 268 -32.10 -29.33 -7.78
CA LYS A 268 -32.74 -28.60 -6.66
C LYS A 268 -34.07 -27.93 -7.01
N CYS A 269 -34.61 -28.21 -8.20
CA CYS A 269 -35.82 -27.57 -8.70
C CYS A 269 -36.93 -28.61 -8.77
N SER B 8 45.68 2.92 1.27
CA SER B 8 44.54 3.16 2.15
C SER B 8 43.49 4.02 1.44
N GLU B 9 43.97 5.02 0.70
CA GLU B 9 43.10 6.02 0.11
C GLU B 9 42.04 5.39 -0.80
N ALA B 10 42.46 4.51 -1.71
CA ALA B 10 41.52 3.96 -2.68
C ALA B 10 40.58 2.95 -2.03
N ALA B 11 41.07 2.16 -1.06
CA ALA B 11 40.22 1.19 -0.40
C ALA B 11 39.17 1.86 0.47
N GLU B 12 39.49 3.01 1.06
CA GLU B 12 38.51 3.73 1.87
C GLU B 12 37.41 4.33 0.98
N ILE B 13 37.76 4.80 -0.21
CA ILE B 13 36.75 5.32 -1.13
C ILE B 13 35.85 4.20 -1.63
N GLU B 14 36.44 3.05 -1.95
CA GLU B 14 35.66 1.97 -2.53
C GLU B 14 34.74 1.31 -1.50
N ALA B 15 35.16 1.28 -0.24
CA ALA B 15 34.26 0.79 0.81
C ALA B 15 33.05 1.70 0.95
N GLY B 16 33.27 3.02 0.96
CA GLY B 16 32.14 3.94 1.02
C GLY B 16 31.20 3.76 -0.15
N ASP B 17 31.73 3.49 -1.34
CA ASP B 17 30.87 3.24 -2.49
C ASP B 17 30.01 2.00 -2.26
N ARG B 18 30.57 0.99 -1.59
CA ARG B 18 29.80 -0.22 -1.30
C ARG B 18 28.79 0.01 -0.16
N LEU B 19 29.12 0.89 0.79
CA LEU B 19 28.18 1.22 1.85
C LEU B 19 26.93 1.91 1.30
N ASP B 20 27.11 2.79 0.33
CA ASP B 20 25.96 3.45 -0.29
C ASP B 20 25.06 2.45 -0.99
N ALA B 21 25.65 1.47 -1.69
CA ALA B 21 24.84 0.45 -2.34
C ALA B 21 24.14 -0.42 -1.30
N LEU B 22 24.83 -0.75 -0.21
CA LEU B 22 24.23 -1.59 0.82
C LEU B 22 23.09 -0.87 1.55
N ARG B 23 23.18 0.44 1.72
CA ARG B 23 22.11 1.15 2.40
C ARG B 23 20.88 1.30 1.52
N ASP B 24 21.04 1.31 0.21
CA ASP B 24 19.88 1.32 -0.67
C ASP B 24 19.19 -0.04 -0.67
N GLN B 25 19.97 -1.12 -0.57
CA GLN B 25 19.36 -2.44 -0.38
C GLN B 25 18.63 -2.50 0.97
N LEU B 26 19.19 -1.85 1.98
CA LEU B 26 18.52 -1.80 3.29
C LEU B 26 17.20 -1.05 3.20
N GLN B 27 17.19 0.10 2.54
CA GLN B 27 15.97 0.87 2.38
C GLN B 27 14.93 0.13 1.54
N ARG B 28 15.38 -0.76 0.65
CA ARG B 28 14.45 -1.53 -0.18
C ARG B 28 13.52 -2.41 0.64
N TYR B 29 13.90 -2.76 1.87
CA TYR B 29 13.06 -3.66 2.65
C TYR B 29 11.88 -2.95 3.31
N GLU B 30 11.91 -1.63 3.42
CA GLU B 30 10.86 -0.86 4.09
C GLU B 30 9.49 -1.15 3.52
N THR B 31 9.30 -0.81 2.25
CA THR B 31 7.98 -0.95 1.63
C THR B 31 7.48 -2.39 1.66
N PRO B 32 8.27 -3.41 1.26
CA PRO B 32 7.77 -4.80 1.39
C PRO B 32 7.32 -5.17 2.80
N ILE B 33 8.09 -4.83 3.83
CA ILE B 33 7.68 -5.12 5.20
C ILE B 33 6.33 -4.47 5.50
N ILE B 34 6.22 -3.17 5.21
CA ILE B 34 4.97 -2.46 5.46
C ILE B 34 3.84 -3.03 4.60
N GLN B 35 4.15 -3.40 3.35
CA GLN B 35 3.13 -3.93 2.45
C GLN B 35 2.52 -5.22 3.00
N THR B 36 3.37 -6.18 3.37
CA THR B 36 2.84 -7.49 3.77
C THR B 36 2.19 -7.46 5.15
N ILE B 37 2.65 -6.58 6.05
CA ILE B 37 1.93 -6.40 7.31
C ILE B 37 0.50 -5.99 7.03
N LEU B 38 0.32 -4.98 6.16
CA LEU B 38 -1.01 -4.51 5.81
C LEU B 38 -1.78 -5.57 5.02
N ALA B 39 -1.10 -6.34 4.18
CA ALA B 39 -1.77 -7.40 3.45
C ALA B 39 -2.32 -8.46 4.40
N ARG B 40 -1.53 -8.83 5.41
CA ARG B 40 -1.98 -9.83 6.38
C ARG B 40 -3.12 -9.28 7.24
N SER B 41 -3.02 -8.02 7.68
CA SER B 41 -4.04 -7.47 8.57
C SER B 41 -5.34 -7.17 7.85
N ALA B 42 -5.28 -6.85 6.56
CA ALA B 42 -6.51 -6.69 5.79
C ALA B 42 -7.17 -8.04 5.50
N LEU B 43 -6.41 -9.13 5.50
CA LEU B 43 -6.97 -10.42 5.10
C LEU B 43 -8.05 -10.89 6.05
N GLY B 44 -7.89 -10.63 7.35
CA GLY B 44 -8.90 -11.00 8.32
C GLY B 44 -8.25 -11.50 9.60
N GLY B 45 -9.05 -12.23 10.38
CA GLY B 45 -8.61 -12.71 11.66
C GLY B 45 -7.56 -13.80 11.57
N ARG B 46 -7.19 -14.32 12.73
CA ARG B 46 -6.22 -15.40 12.82
C ARG B 46 -6.93 -16.75 12.69
N ALA B 47 -6.28 -17.67 11.98
CA ALA B 47 -6.83 -19.00 11.80
C ALA B 47 -6.50 -19.89 13.01
N PRO B 48 -7.33 -20.88 13.29
CA PRO B 48 -7.03 -21.81 14.39
C PRO B 48 -5.68 -22.49 14.18
N SER B 49 -4.85 -22.44 15.23
CA SER B 49 -3.50 -23.03 15.21
C SER B 49 -2.63 -22.41 14.12
N GLU B 50 -2.80 -21.11 13.89
CA GLU B 50 -2.02 -20.44 12.85
C GLU B 50 -0.54 -20.39 13.20
N GLN B 51 -0.21 -20.08 14.46
CA GLN B 51 1.18 -20.07 14.87
C GLN B 51 1.82 -21.43 14.69
N ASP B 52 1.08 -22.50 14.99
CA ASP B 52 1.67 -23.84 14.87
C ASP B 52 1.89 -24.22 13.41
N GLU B 53 0.96 -23.85 12.53
CA GLU B 53 1.21 -24.12 11.11
C GLU B 53 2.28 -23.20 10.54
N VAL B 54 2.59 -22.07 11.21
CA VAL B 54 3.66 -21.23 10.68
C VAL B 54 5.04 -21.80 11.00
N ARG B 55 5.23 -22.36 12.21
CA ARG B 55 6.47 -23.08 12.46
C ARG B 55 6.55 -24.33 11.60
N ALA B 56 5.41 -24.99 11.36
CA ALA B 56 5.40 -26.14 10.48
C ALA B 56 5.88 -25.80 9.07
N ALA B 57 5.39 -24.69 8.52
CA ALA B 57 5.81 -24.28 7.18
C ALA B 57 7.28 -23.89 7.16
N LEU B 58 7.75 -23.18 8.19
CA LEU B 58 9.16 -22.80 8.28
C LEU B 58 10.05 -24.04 8.29
N SER B 59 9.67 -25.06 9.07
CA SER B 59 10.47 -26.28 9.15
C SER B 59 10.40 -27.07 7.84
N ARG B 60 9.24 -27.12 7.20
CA ARG B 60 9.11 -27.82 5.94
C ARG B 60 9.80 -27.09 4.80
N ASN B 61 10.03 -25.77 4.93
CA ASN B 61 10.79 -25.00 3.95
C ASN B 61 11.87 -24.21 4.68
N ALA B 62 12.95 -24.89 5.03
CA ALA B 62 14.03 -24.26 5.78
C ALA B 62 14.99 -23.59 4.80
N PHE B 63 14.91 -22.26 4.71
CA PHE B 63 15.75 -21.50 3.79
C PHE B 63 17.02 -21.11 4.54
N GLU B 64 18.15 -21.75 4.19
CA GLU B 64 19.34 -21.25 4.85
C GLU B 64 19.85 -20.01 4.12
N PRO B 65 20.51 -19.10 4.86
CA PRO B 65 20.92 -17.81 4.28
C PRO B 65 22.25 -17.84 3.55
N SER B 66 22.73 -16.64 3.21
CA SER B 66 24.06 -16.47 2.63
C SER B 66 25.07 -17.34 3.35
N GLU B 67 25.97 -17.97 2.61
CA GLU B 67 27.02 -18.75 3.27
C GLU B 67 27.83 -17.84 4.19
N VAL B 68 28.18 -16.63 3.71
CA VAL B 68 28.89 -15.67 4.54
C VAL B 68 28.16 -15.46 5.87
N ILE B 69 26.85 -15.19 5.79
CA ILE B 69 26.06 -14.95 6.99
C ILE B 69 26.01 -16.20 7.85
N SER B 70 25.67 -17.33 7.24
CA SER B 70 25.69 -18.60 7.97
C SER B 70 27.07 -18.89 8.55
N GLU B 71 28.13 -18.64 7.77
CA GLU B 71 29.48 -18.66 8.33
C GLU B 71 29.56 -17.83 9.61
N TRP B 72 28.94 -16.65 9.59
CA TRP B 72 28.93 -15.77 10.74
C TRP B 72 27.87 -16.15 11.78
N LEU B 73 26.89 -16.95 11.42
CA LEU B 73 25.88 -17.23 12.43
C LEU B 73 26.31 -18.29 13.44
N GLN B 74 27.36 -19.07 13.13
CA GLN B 74 27.91 -20.02 14.09
C GLN B 74 29.31 -19.61 14.51
N THR B 75 29.83 -18.52 13.95
CA THR B 75 30.57 -17.57 14.76
C THR B 75 29.79 -17.47 16.03
N GLU B 76 30.40 -17.71 17.17
CA GLU B 76 29.48 -17.54 18.27
C GLU B 76 29.43 -16.08 18.74
N SER B 77 30.34 -15.24 18.26
CA SER B 77 30.02 -13.82 18.23
C SER B 77 28.69 -13.53 17.51
N GLY B 78 28.50 -14.11 16.33
CA GLY B 78 27.25 -13.97 15.63
C GLY B 78 26.17 -14.96 15.97
N ALA B 79 26.44 -15.94 16.85
CA ALA B 79 25.41 -16.91 17.18
C ALA B 79 24.37 -16.36 18.17
N ARG B 80 24.62 -15.19 18.78
CA ARG B 80 23.54 -14.56 19.53
C ARG B 80 22.35 -14.29 18.62
N PHE B 81 22.60 -13.97 17.36
CA PHE B 81 21.53 -13.73 16.42
C PHE B 81 21.04 -15.00 15.73
N ARG B 82 21.43 -16.17 16.21
CA ARG B 82 20.89 -17.43 15.69
C ARG B 82 19.66 -17.82 16.49
N SER B 83 18.61 -18.21 15.77
CA SER B 83 17.33 -18.54 16.38
C SER B 83 17.18 -20.05 16.54
N THR B 84 16.36 -20.45 17.51
CA THR B 84 15.90 -21.82 17.57
C THR B 84 15.12 -22.15 16.30
N ARG B 85 15.52 -23.23 15.62
CA ARG B 85 14.81 -23.64 14.43
C ARG B 85 13.33 -23.87 14.76
N PRO B 86 12.43 -23.65 13.78
CA PRO B 86 12.77 -23.28 12.41
C PRO B 86 12.75 -21.77 12.12
N LEU B 87 12.85 -20.93 13.14
CA LEU B 87 12.70 -19.50 12.91
C LEU B 87 13.95 -18.90 12.27
N PRO B 88 13.77 -17.93 11.37
CA PRO B 88 14.92 -17.31 10.68
C PRO B 88 15.80 -16.54 11.66
N PRO B 89 17.01 -16.17 11.26
CA PRO B 89 17.93 -15.52 12.20
C PRO B 89 17.42 -14.18 12.71
N ALA B 90 17.87 -13.83 13.92
CA ALA B 90 17.74 -12.50 14.52
C ALA B 90 16.34 -12.16 14.96
N VAL B 91 15.34 -12.99 14.63
CA VAL B 91 13.98 -12.71 15.07
C VAL B 91 13.77 -12.99 16.55
N GLU B 92 14.74 -13.62 17.21
CA GLU B 92 14.64 -13.90 18.64
C GLU B 92 15.55 -13.03 19.49
N PHE B 93 16.49 -12.31 18.88
CA PHE B 93 17.41 -11.46 19.65
C PHE B 93 16.65 -10.40 20.43
N ILE B 94 16.96 -10.28 21.71
CA ILE B 94 16.29 -9.34 22.61
C ILE B 94 17.21 -8.14 22.83
N THR B 95 16.68 -6.92 22.56
CA THR B 95 17.39 -5.71 22.93
C THR B 95 17.03 -5.31 24.36
N PRO B 96 17.93 -4.66 25.08
CA PRO B 96 17.61 -4.26 26.46
C PRO B 96 16.58 -3.15 26.51
N VAL B 97 15.78 -3.17 27.58
CA VAL B 97 14.79 -2.12 27.82
C VAL B 97 15.50 -0.80 28.08
N VAL B 98 15.32 0.17 27.19
CA VAL B 98 16.04 1.43 27.27
C VAL B 98 15.12 2.63 27.53
N LEU B 99 13.81 2.45 27.44
CA LEU B 99 12.87 3.54 27.67
C LEU B 99 11.92 3.20 28.81
N SER B 100 11.22 4.22 29.29
CA SER B 100 10.34 4.07 30.45
C SER B 100 8.91 3.75 30.00
N ARG B 101 8.07 3.45 30.99
CA ARG B 101 6.68 3.06 30.72
C ARG B 101 5.93 4.11 29.91
N ASP B 102 6.16 5.39 30.23
CA ASP B 102 5.30 6.47 29.75
C ASP B 102 5.95 7.30 28.66
N THR B 103 7.10 6.87 28.16
CA THR B 103 7.82 7.60 27.12
C THR B 103 6.92 7.86 25.92
N VAL B 104 6.91 9.12 25.48
CA VAL B 104 6.23 9.46 24.23
C VAL B 104 7.02 8.89 23.07
N LEU B 105 6.31 8.25 22.13
CA LEU B 105 6.96 7.48 21.07
C LEU B 105 6.97 8.18 19.72
N ASP B 106 5.97 9.02 19.42
CA ASP B 106 5.80 9.48 18.05
C ASP B 106 5.41 10.95 17.95
N LYS B 107 5.65 11.75 18.98
CA LYS B 107 5.21 13.14 18.98
C LYS B 107 6.32 13.99 19.59
N PRO B 108 6.51 15.22 19.10
CA PRO B 108 7.64 16.02 19.59
C PRO B 108 7.49 16.36 21.06
N VAL B 109 8.56 16.16 21.82
CA VAL B 109 8.64 16.52 23.22
C VAL B 109 9.76 17.53 23.38
N VAL B 110 9.43 18.67 24.00
CA VAL B 110 10.44 19.68 24.22
C VAL B 110 11.53 19.13 25.13
N GLY B 111 12.79 19.32 24.73
CA GLY B 111 13.92 18.90 25.52
C GLY B 111 14.38 17.48 25.28
N LYS B 112 13.63 16.69 24.52
CA LYS B 112 14.04 15.31 24.29
C LYS B 112 13.98 14.94 22.81
N GLY B 113 13.07 15.53 22.04
CA GLY B 113 13.03 15.28 20.62
C GLY B 113 11.84 14.48 20.15
N ILE B 114 12.07 13.53 19.23
CA ILE B 114 11.01 12.65 18.75
C ILE B 114 11.63 11.37 18.22
N PHE B 115 10.83 10.29 18.25
CA PHE B 115 11.18 8.92 17.88
C PHE B 115 12.32 8.40 18.74
N PRO B 116 12.12 8.21 20.04
CA PRO B 116 13.13 7.52 20.85
C PRO B 116 13.19 6.05 20.48
N ILE B 117 14.39 5.56 20.23
CA ILE B 117 14.63 4.20 19.75
C ILE B 117 14.72 3.25 20.93
N GLY B 118 14.15 2.06 20.79
CA GLY B 118 14.36 0.98 21.73
C GLY B 118 13.07 0.49 22.35
N ARG B 119 13.23 -0.38 23.36
CA ARG B 119 12.13 -1.07 24.01
C ARG B 119 11.76 -0.41 25.34
N ARG B 120 10.47 -0.43 25.63
CA ARG B 120 9.93 -0.12 26.94
C ARG B 120 9.70 -1.41 27.73
N PRO B 121 9.44 -1.31 29.04
CA PRO B 121 9.13 -2.53 29.80
C PRO B 121 8.01 -3.37 29.20
N GLN B 122 6.93 -2.73 28.74
CA GLN B 122 5.75 -3.44 28.25
C GLN B 122 5.83 -3.80 26.76
N ASP B 123 6.97 -3.52 26.09
CA ASP B 123 7.13 -3.95 24.71
C ASP B 123 7.61 -5.41 24.68
N PRO B 124 7.06 -6.23 23.78
CA PRO B 124 7.56 -7.60 23.63
C PRO B 124 9.07 -7.67 23.43
N THR B 125 9.66 -8.81 23.81
CA THR B 125 11.12 -8.88 23.95
C THR B 125 11.82 -8.89 22.61
N ASN B 126 11.28 -9.62 21.64
CA ASN B 126 11.92 -9.76 20.34
C ASN B 126 10.85 -9.72 19.25
N MET B 127 11.32 -9.65 18.00
CA MET B 127 10.39 -9.51 16.87
C MET B 127 9.42 -10.67 16.79
N ASP B 128 9.86 -11.88 17.18
CA ASP B 128 8.96 -13.02 17.16
C ASP B 128 7.82 -12.87 18.15
N GLU B 129 8.14 -12.50 19.39
CA GLU B 129 7.08 -12.21 20.37
C GLU B 129 6.21 -11.05 19.89
N PHE B 130 6.81 -10.04 19.28
CA PHE B 130 6.04 -8.87 18.85
C PHE B 130 5.07 -9.22 17.74
N LEU B 131 5.57 -9.84 16.67
CA LEU B 131 4.69 -10.29 15.60
C LEU B 131 3.68 -11.32 16.10
N ASP B 132 4.04 -12.06 17.15
CA ASP B 132 3.09 -13.02 17.73
C ASP B 132 1.99 -12.30 18.50
N THR B 133 2.34 -11.23 19.22
CA THR B 133 1.34 -10.50 19.98
C THR B 133 0.33 -9.82 19.07
N SER B 134 0.80 -9.28 17.94
CA SER B 134 -0.12 -8.66 16.98
C SER B 134 -1.09 -9.68 16.41
N LEU B 135 -0.57 -10.84 16.01
CA LEU B 135 -1.44 -11.90 15.51
C LEU B 135 -2.47 -12.31 16.55
N LEU B 136 -2.04 -12.45 17.81
CA LEU B 136 -2.95 -12.83 18.88
C LEU B 136 -3.97 -11.75 19.20
N SER B 137 -3.67 -10.48 18.90
CA SER B 137 -4.62 -9.41 19.17
C SER B 137 -5.83 -9.48 18.25
N LEU B 138 -5.75 -10.21 17.15
CA LEU B 138 -6.86 -10.34 16.22
C LEU B 138 -7.87 -11.39 16.69
N ASN B 139 -9.08 -11.29 16.17
CA ASN B 139 -10.13 -12.23 16.52
C ASN B 139 -9.94 -13.56 15.79
N GLN B 140 -10.28 -14.64 16.48
CA GLN B 140 -10.37 -15.97 15.88
C GLN B 140 -11.41 -15.95 14.76
N SER B 141 -11.07 -16.53 13.60
CA SER B 141 -12.01 -16.44 12.48
C SER B 141 -12.14 -17.75 11.70
N SER B 142 -13.39 -18.00 11.29
CA SER B 142 -13.80 -19.18 10.54
C SER B 142 -13.50 -19.09 9.06
N THR B 143 -13.33 -17.87 8.55
CA THR B 143 -13.40 -17.59 7.12
C THR B 143 -12.07 -17.20 6.52
N VAL B 144 -11.05 -16.94 7.34
CA VAL B 144 -9.74 -16.59 6.83
C VAL B 144 -9.12 -17.82 6.15
N ASP B 145 -8.39 -17.58 5.06
CA ASP B 145 -7.77 -18.66 4.32
C ASP B 145 -6.43 -19.01 4.96
N LEU B 146 -6.30 -20.24 5.43
CA LEU B 146 -5.13 -20.63 6.21
C LEU B 146 -3.86 -20.55 5.38
N ALA B 147 -3.89 -21.06 4.14
CA ALA B 147 -2.71 -21.06 3.30
C ALA B 147 -2.23 -19.64 3.03
N SER B 148 -3.16 -18.73 2.70
CA SER B 148 -2.77 -17.34 2.46
C SER B 148 -2.26 -16.69 3.74
N ALA B 149 -2.94 -16.92 4.86
CA ALA B 149 -2.51 -16.35 6.13
C ALA B 149 -1.10 -16.81 6.50
N VAL B 150 -0.89 -18.13 6.52
CA VAL B 150 0.40 -18.67 6.94
C VAL B 150 1.52 -18.15 6.05
N SER B 151 1.27 -18.03 4.74
CA SER B 151 2.34 -17.66 3.82
C SER B 151 2.74 -16.20 3.96
N LEU B 152 1.77 -15.29 4.15
CA LEU B 152 2.12 -13.91 4.46
C LEU B 152 2.93 -13.83 5.74
N ASP B 153 2.42 -14.45 6.81
CA ASP B 153 3.14 -14.60 8.07
C ASP B 153 4.57 -15.06 7.87
N VAL B 154 4.75 -16.13 7.09
CA VAL B 154 6.10 -16.60 6.79
C VAL B 154 6.90 -15.52 6.06
N SER B 155 6.29 -14.93 5.03
CA SER B 155 6.99 -13.92 4.23
C SER B 155 7.45 -12.76 5.10
N LEU B 156 6.64 -12.36 6.08
CA LEU B 156 7.05 -11.26 6.96
C LEU B 156 8.27 -11.64 7.79
N LEU B 157 8.32 -12.89 8.27
CA LEU B 157 9.44 -13.31 9.10
C LEU B 157 10.76 -13.27 8.33
N HIS B 158 10.74 -13.74 7.08
CA HIS B 158 11.96 -13.70 6.28
C HIS B 158 12.34 -12.28 5.87
N LEU B 159 11.36 -11.39 5.72
CA LEU B 159 11.66 -10.00 5.36
C LEU B 159 12.38 -9.29 6.49
N VAL B 160 11.85 -9.40 7.72
CA VAL B 160 12.44 -8.66 8.83
C VAL B 160 13.81 -9.24 9.19
N SER B 161 13.99 -10.56 9.04
CA SER B 161 15.30 -11.14 9.31
C SER B 161 16.30 -10.73 8.24
N ALA B 162 15.92 -10.80 6.97
CA ALA B 162 16.81 -10.33 5.91
C ALA B 162 17.17 -8.86 6.11
N ARG B 163 16.22 -8.05 6.59
CA ARG B 163 16.48 -6.63 6.77
C ARG B 163 17.60 -6.39 7.77
N VAL B 164 17.48 -6.96 8.98
CA VAL B 164 18.40 -6.60 10.04
C VAL B 164 19.80 -7.17 9.78
N LEU B 165 19.89 -8.34 9.15
CA LEU B 165 21.20 -8.95 8.94
C LEU B 165 22.01 -8.28 7.84
N LEU B 166 21.40 -7.42 7.02
CA LEU B 166 22.20 -6.56 6.16
C LEU B 166 23.09 -5.63 6.99
N GLY B 167 22.83 -5.52 8.29
CA GLY B 167 23.73 -4.80 9.17
C GLY B 167 25.14 -5.35 9.20
N TYR B 168 25.29 -6.67 8.95
CA TYR B 168 26.64 -7.25 8.93
C TYR B 168 27.45 -6.76 7.74
N PRO B 169 26.98 -6.88 6.49
CA PRO B 169 27.74 -6.25 5.38
C PRO B 169 27.90 -4.75 5.55
N ILE B 170 26.89 -4.06 6.08
CA ILE B 170 26.99 -2.63 6.28
C ILE B 170 28.09 -2.31 7.29
N ALA B 171 28.18 -3.10 8.36
CA ALA B 171 29.22 -2.89 9.35
C ALA B 171 30.60 -3.04 8.74
N LEU B 172 30.81 -4.12 7.97
CA LEU B 172 32.11 -4.35 7.34
C LEU B 172 32.45 -3.25 6.36
N ALA B 173 31.46 -2.71 5.64
CA ALA B 173 31.71 -1.59 4.76
C ALA B 173 32.05 -0.34 5.55
N LYS B 174 31.36 -0.11 6.66
CA LYS B 174 31.68 1.03 7.51
C LYS B 174 33.08 0.91 8.09
N PHE B 175 33.48 -0.31 8.49
CA PHE B 175 34.81 -0.51 9.06
C PHE B 175 35.90 -0.14 8.07
N ASP B 176 35.82 -0.66 6.84
CA ASP B 176 36.86 -0.43 5.85
C ASP B 176 37.06 1.06 5.58
N TRP B 177 35.97 1.82 5.49
CA TRP B 177 36.06 3.25 5.23
C TRP B 177 36.53 4.00 6.47
N LEU B 178 35.97 3.68 7.63
CA LEU B 178 36.25 4.37 8.88
C LEU B 178 37.19 3.58 9.78
N HIS B 179 38.20 2.97 9.16
CA HIS B 179 39.17 2.13 9.84
C HIS B 179 39.72 2.79 11.11
N ASP B 180 40.27 3.99 10.98
CA ASP B 180 41.00 4.59 12.08
C ASP B 180 40.09 4.96 13.25
N ASN B 181 38.86 5.38 12.95
CA ASN B 181 37.91 5.71 14.01
C ASN B 181 37.68 4.50 14.93
N PHE B 182 37.46 3.33 14.32
CA PHE B 182 37.06 2.17 15.11
C PHE B 182 38.22 1.54 15.86
N CYS B 183 39.43 1.56 15.31
CA CYS B 183 40.54 0.85 15.95
C CYS B 183 41.19 1.65 17.07
N HIS B 184 41.05 2.99 17.09
CA HIS B 184 41.43 3.71 18.30
C HIS B 184 40.52 3.34 19.46
N ILE B 185 39.35 2.76 19.17
CA ILE B 185 38.52 2.15 20.20
C ILE B 185 38.94 0.71 20.46
N LEU B 186 39.11 -0.08 19.38
CA LEU B 186 39.33 -1.51 19.51
C LEU B 186 40.72 -1.85 20.04
N THR B 187 41.69 -0.94 19.97
CA THR B 187 43.01 -1.19 20.53
C THR B 187 43.14 -0.71 21.97
N ASN B 188 42.40 0.33 22.36
CA ASN B 188 42.50 0.85 23.72
C ASN B 188 42.23 -0.26 24.73
N THR B 189 43.25 -0.57 25.51
CA THR B 189 43.19 -1.59 26.55
C THR B 189 42.74 -1.02 27.89
N THR B 190 42.53 0.29 27.96
CA THR B 190 41.92 0.89 29.15
C THR B 190 40.53 0.33 29.37
N LEU B 191 39.79 0.10 28.29
CA LEU B 191 38.36 -0.14 28.33
C LEU B 191 38.02 -1.63 28.25
N SER B 192 36.96 -2.00 28.96
CA SER B 192 36.39 -3.34 28.91
C SER B 192 35.82 -3.61 27.51
N LYS B 193 35.56 -4.88 27.19
CA LYS B 193 34.98 -5.16 25.89
C LYS B 193 33.58 -4.58 25.79
N SER B 194 32.76 -4.79 26.82
CA SER B 194 31.44 -4.17 26.81
C SER B 194 31.53 -2.64 26.92
N GLN B 195 32.53 -2.13 27.65
CA GLN B 195 32.75 -0.69 27.63
C GLN B 195 33.17 -0.19 26.25
N LYS B 196 33.94 -0.97 25.48
CA LYS B 196 34.17 -0.46 24.13
C LYS B 196 32.96 -0.75 23.22
N LEU B 197 32.24 -1.85 23.45
CA LEU B 197 31.02 -2.10 22.67
C LEU B 197 30.09 -0.91 22.72
N ALA B 198 29.91 -0.32 23.91
CA ALA B 198 29.05 0.85 24.05
C ALA B 198 29.59 2.01 23.21
N ASN B 199 30.91 2.14 23.11
CA ASN B 199 31.48 3.30 22.45
C ASN B 199 31.34 3.20 20.92
N ILE B 200 31.62 2.03 20.34
CA ILE B 200 31.40 1.87 18.91
C ILE B 200 29.93 1.98 18.56
N ILE B 201 29.03 1.75 19.52
CA ILE B 201 27.61 1.89 19.24
C ILE B 201 27.22 3.37 19.16
N GLN B 202 27.76 4.19 20.07
CA GLN B 202 27.59 5.64 19.90
C GLN B 202 28.24 6.11 18.61
N GLN B 203 29.36 5.49 18.24
CA GLN B 203 30.02 5.81 16.98
C GLN B 203 29.21 5.37 15.78
N LEU B 204 28.37 4.35 15.95
CA LEU B 204 27.60 3.77 14.84
C LEU B 204 26.23 4.41 14.68
N THR B 205 25.70 5.08 15.70
CA THR B 205 24.32 5.54 15.64
C THR B 205 24.26 7.01 15.21
N ASP B 206 23.20 7.31 14.51
CA ASP B 206 22.99 8.54 13.77
C ASP B 206 21.49 8.81 13.85
N HIS B 207 21.09 9.55 14.89
CA HIS B 207 19.68 9.69 15.19
C HIS B 207 18.98 10.64 14.22
N LYS B 208 19.72 11.53 13.57
CA LYS B 208 19.10 12.35 12.53
C LYS B 208 18.63 11.50 11.37
N GLN B 209 19.42 10.49 10.99
CA GLN B 209 18.98 9.56 9.95
C GLN B 209 17.93 8.59 10.45
N GLU B 210 17.94 8.29 11.76
CA GLU B 210 16.85 7.50 12.33
C GLU B 210 15.52 8.23 12.20
N VAL B 211 15.50 9.52 12.55
CA VAL B 211 14.30 10.34 12.36
C VAL B 211 13.97 10.42 10.87
N ASN B 212 14.99 10.51 10.02
CA ASN B 212 14.78 10.50 8.58
C ASN B 212 14.04 9.25 8.15
N VAL B 213 14.45 8.09 8.68
CA VAL B 213 13.88 6.81 8.26
C VAL B 213 12.49 6.62 8.86
N LEU B 214 12.37 6.82 10.17
CA LEU B 214 11.08 6.59 10.84
C LEU B 214 10.02 7.54 10.33
N SER B 215 10.42 8.74 9.89
CA SER B 215 9.48 9.67 9.28
C SER B 215 8.82 9.07 8.05
N ARG B 216 9.64 8.53 7.14
CA ARG B 216 9.10 7.93 5.93
C ARG B 216 8.28 6.69 6.26
N VAL B 217 8.75 5.88 7.22
CA VAL B 217 8.00 4.70 7.65
C VAL B 217 6.63 5.11 8.17
N GLU B 218 6.58 6.19 8.96
CA GLU B 218 5.29 6.66 9.46
C GLU B 218 4.38 7.10 8.32
N GLN B 219 4.92 7.87 7.37
CA GLN B 219 4.12 8.29 6.22
C GLN B 219 3.63 7.08 5.43
N LYS B 220 4.50 6.09 5.21
CA LYS B 220 4.10 4.90 4.48
C LYS B 220 3.01 4.13 5.22
N SER B 221 3.15 3.99 6.54
CA SER B 221 2.16 3.25 7.30
C SER B 221 0.80 3.94 7.29
N LYS B 222 0.78 5.26 7.08
CA LYS B 222 -0.49 5.99 7.01
C LYS B 222 -1.05 6.02 5.59
N SER B 223 -0.23 6.39 4.61
CA SER B 223 -0.70 6.44 3.23
C SER B 223 -1.18 5.08 2.75
N LEU B 224 -0.37 4.04 2.99
CA LEU B 224 -0.69 2.71 2.49
C LEU B 224 -1.77 1.99 3.28
N SER B 225 -2.22 2.55 4.40
CA SER B 225 -3.36 2.00 5.13
C SER B 225 -4.63 2.80 4.90
N HIS B 226 -4.67 3.59 3.82
CA HIS B 226 -5.83 4.41 3.52
C HIS B 226 -7.03 3.55 3.15
N LEU B 227 -8.21 3.95 3.63
CA LEU B 227 -9.45 3.22 3.39
C LEU B 227 -10.10 3.70 2.11
N PHE B 228 -10.25 2.79 1.14
CA PHE B 228 -10.89 3.12 -0.10
C PHE B 228 -12.40 2.82 0.00
N ARG B 229 -13.15 3.28 -1.00
CA ARG B 229 -14.60 3.17 -1.01
C ARG B 229 -15.05 1.79 -0.58
N ASN B 230 -15.78 1.74 0.54
CA ASN B 230 -16.44 0.54 1.07
C ASN B 230 -15.45 -0.50 1.59
N ASP B 231 -14.18 -0.14 1.76
CA ASP B 231 -13.22 -0.98 2.46
C ASP B 231 -13.63 -1.07 3.92
N ILE B 232 -13.42 -2.24 4.53
CA ILE B 232 -13.64 -2.35 5.97
C ILE B 232 -12.33 -2.01 6.66
N PRO B 233 -12.37 -1.36 7.82
CA PRO B 233 -11.14 -0.79 8.40
C PRO B 233 -10.18 -1.87 8.89
N TYR B 234 -8.92 -1.47 9.00
CA TYR B 234 -7.87 -2.35 9.51
C TYR B 234 -8.09 -2.61 11.00
N PRO B 235 -7.46 -3.67 11.53
CA PRO B 235 -7.55 -3.91 12.97
C PRO B 235 -6.99 -2.73 13.74
N PRO B 236 -7.45 -2.52 14.98
CA PRO B 236 -7.01 -1.35 15.76
C PRO B 236 -5.50 -1.35 15.96
N HIS B 237 -4.90 -0.17 15.74
CA HIS B 237 -3.49 0.12 16.00
C HIS B 237 -2.55 -0.56 15.01
N THR B 238 -3.02 -0.89 13.80
CA THR B 238 -2.11 -1.44 12.80
C THR B 238 -1.01 -0.45 12.45
N GLN B 239 -1.34 0.83 12.34
CA GLN B 239 -0.34 1.84 11.99
C GLN B 239 0.73 1.96 13.07
N ASP B 240 0.32 2.04 14.33
CA ASP B 240 1.28 2.20 15.41
C ASP B 240 2.18 0.98 15.55
N ARG B 241 1.65 -0.23 15.30
CA ARG B 241 2.49 -1.42 15.40
C ARG B 241 3.52 -1.49 14.27
N ILE B 242 3.17 -1.01 13.07
CA ILE B 242 4.15 -0.93 11.99
C ILE B 242 5.31 -0.04 12.39
N LEU B 243 5.02 1.19 12.80
CA LEU B 243 6.06 2.09 13.29
C LEU B 243 6.81 1.46 14.45
N ARG B 244 6.07 0.82 15.37
CA ARG B 244 6.70 0.18 16.53
C ARG B 244 7.76 -0.83 16.10
N LEU B 245 7.46 -1.61 15.06
CA LEU B 245 8.40 -2.63 14.59
C LEU B 245 9.73 -2.00 14.20
N PHE B 246 9.70 -0.93 13.41
CA PHE B 246 10.93 -0.25 13.02
C PHE B 246 11.60 0.40 14.22
N GLN B 247 10.85 1.21 14.98
CA GLN B 247 11.44 2.07 15.99
C GLN B 247 11.95 1.28 17.20
N ALA B 248 11.33 0.15 17.52
CA ALA B 248 11.73 -0.61 18.69
C ALA B 248 12.48 -1.90 18.39
N TYR B 249 12.43 -2.37 17.14
CA TYR B 249 13.15 -3.60 16.81
C TYR B 249 14.12 -3.46 15.64
N LEU B 250 13.62 -3.03 14.48
CA LEU B 250 14.44 -3.09 13.26
C LEU B 250 15.67 -2.19 13.36
N ILE B 251 15.48 -0.96 13.83
CA ILE B 251 16.60 -0.04 13.96
C ILE B 251 17.59 -0.58 15.00
N PRO B 252 17.18 -0.85 16.25
CA PRO B 252 18.20 -1.23 17.25
C PRO B 252 18.85 -2.59 16.98
N ILE B 253 18.11 -3.59 16.51
CA ILE B 253 18.70 -4.89 16.24
C ILE B 253 19.72 -4.80 15.11
N THR B 254 19.44 -3.98 14.09
CA THR B 254 20.37 -3.83 12.97
C THR B 254 21.71 -3.27 13.45
N THR B 255 21.68 -2.14 14.15
CA THR B 255 22.92 -1.55 14.63
C THR B 255 23.57 -2.40 15.70
N GLN B 256 22.79 -3.21 16.43
CA GLN B 256 23.38 -4.19 17.34
C GLN B 256 24.14 -5.27 16.57
N ILE B 257 23.61 -5.70 15.43
CA ILE B 257 24.35 -6.60 14.55
C ILE B 257 25.61 -5.91 14.03
N GLU B 258 25.46 -4.65 13.60
CA GLU B 258 26.60 -3.86 13.15
C GLU B 258 27.69 -3.84 14.20
N ALA B 259 27.32 -3.58 15.46
CA ALA B 259 28.30 -3.49 16.54
C ALA B 259 29.02 -4.81 16.74
N ALA B 260 28.29 -5.93 16.75
CA ALA B 260 28.92 -7.23 16.92
C ALA B 260 29.91 -7.54 15.81
N ALA B 261 29.59 -7.13 14.58
CA ALA B 261 30.50 -7.38 13.46
C ALA B 261 31.79 -6.58 13.60
N ILE B 262 31.70 -5.37 14.14
CA ILE B 262 32.90 -4.54 14.33
C ILE B 262 33.82 -5.17 15.36
N LEU B 263 33.25 -5.61 16.49
CA LEU B 263 34.06 -6.25 17.53
C LEU B 263 34.81 -7.46 16.99
N ASP B 264 34.15 -8.25 16.12
CA ASP B 264 34.75 -9.43 15.53
C ASP B 264 36.02 -9.12 14.75
N HIS B 265 36.25 -7.87 14.40
CA HIS B 265 37.31 -7.51 13.48
C HIS B 265 38.35 -6.61 14.14
N ALA B 266 38.53 -6.76 15.45
CA ALA B 266 39.64 -6.10 16.14
C ALA B 266 40.99 -6.66 15.70
N ASN B 267 41.00 -7.73 14.91
CA ASN B 267 42.22 -8.33 14.38
C ASN B 267 42.73 -7.63 13.13
N LYS B 268 42.22 -6.44 12.81
CA LYS B 268 42.61 -5.73 11.61
C LYS B 268 43.27 -4.39 11.92
N CYS B 269 43.74 -4.19 13.15
CA CYS B 269 44.30 -2.90 13.55
C CYS B 269 45.83 -2.90 13.54
N THR C 36 -43.02 -8.98 -28.37
CA THR C 36 -43.03 -7.88 -27.41
C THR C 36 -41.79 -7.94 -26.52
N CYS C 37 -41.75 -7.06 -25.51
CA CYS C 37 -40.70 -7.11 -24.50
C CYS C 37 -41.29 -7.42 -23.14
N ARG C 38 -40.67 -8.35 -22.44
CA ARG C 38 -41.20 -8.87 -21.20
C ARG C 38 -40.05 -9.17 -20.25
N ALA C 39 -40.38 -9.34 -18.97
CA ALA C 39 -39.37 -9.44 -17.93
C ALA C 39 -38.51 -10.69 -18.13
N SER C 40 -37.22 -10.56 -17.81
CA SER C 40 -36.27 -11.65 -17.88
C SER C 40 -36.21 -12.48 -16.61
N GLY C 41 -36.92 -12.07 -15.57
CA GLY C 41 -36.86 -12.78 -14.30
C GLY C 41 -37.49 -11.95 -13.20
N TYR C 42 -37.46 -12.52 -11.99
CA TYR C 42 -38.05 -11.89 -10.83
C TYR C 42 -37.08 -11.96 -9.66
N LEU C 43 -37.29 -11.06 -8.70
CA LEU C 43 -36.31 -10.79 -7.66
C LEU C 43 -36.99 -10.76 -6.30
N PRO C 44 -36.65 -11.66 -5.38
CA PRO C 44 -37.25 -11.64 -4.04
C PRO C 44 -36.75 -10.43 -3.25
N GLY C 45 -37.68 -9.62 -2.77
CA GLY C 45 -37.31 -8.40 -2.08
C GLY C 45 -36.72 -8.64 -0.71
N ARG C 46 -35.79 -7.79 -0.33
CA ARG C 46 -35.19 -7.78 0.99
C ARG C 46 -35.04 -6.35 1.45
N SER C 47 -35.26 -6.11 2.74
CA SER C 47 -35.10 -4.77 3.29
C SER C 47 -33.73 -4.55 3.88
N GLY C 48 -33.09 -5.59 4.40
CA GLY C 48 -31.82 -5.44 5.05
C GLY C 48 -31.89 -4.41 6.15
N ASN C 49 -30.88 -3.54 6.21
CA ASN C 49 -30.82 -2.49 7.22
C ASN C 49 -31.45 -1.19 6.75
N CYS C 50 -32.17 -1.21 5.62
CA CYS C 50 -32.63 0.03 5.02
C CYS C 50 -33.54 0.82 5.95
N GLU C 51 -33.30 2.13 6.00
CA GLU C 51 -34.04 3.08 6.83
C GLU C 51 -35.36 3.38 6.14
N LYS C 52 -36.46 2.78 6.61
CA LYS C 52 -37.76 3.03 5.98
C LYS C 52 -38.30 4.41 6.33
N SER C 53 -37.99 4.93 7.52
CA SER C 53 -38.48 6.24 7.94
C SER C 53 -37.95 7.37 7.07
N ASN C 54 -36.91 7.13 6.27
CA ASN C 54 -36.40 8.13 5.35
C ASN C 54 -36.34 7.63 3.91
N ASP C 55 -36.66 6.36 3.67
CA ASP C 55 -36.65 5.80 2.32
C ASP C 55 -37.99 5.10 2.07
N PRO C 56 -38.93 5.78 1.40
CA PRO C 56 -40.21 5.13 1.08
C PRO C 56 -40.10 3.99 0.08
N ASP C 57 -39.02 3.89 -0.68
CA ASP C 57 -38.98 3.02 -1.85
C ASP C 57 -38.09 1.78 -1.65
N CYS C 58 -37.75 1.44 -0.41
CA CYS C 58 -36.95 0.24 -0.18
C CYS C 58 -37.76 -1.02 -0.50
N CYS C 59 -37.02 -2.10 -0.76
CA CYS C 59 -37.66 -3.36 -1.16
C CYS C 59 -38.51 -3.90 -0.02
N GLU C 60 -39.73 -4.32 -0.35
CA GLU C 60 -40.78 -4.60 0.63
C GLU C 60 -40.58 -5.89 1.40
N ASP C 61 -39.49 -6.64 1.17
CA ASP C 61 -39.22 -7.88 1.90
C ASP C 61 -40.19 -9.02 1.60
N GLY C 62 -39.90 -9.76 0.53
CA GLY C 62 -40.68 -10.90 0.11
C GLY C 62 -41.51 -10.63 -1.11
N LYS C 63 -41.57 -9.37 -1.51
CA LYS C 63 -42.24 -8.97 -2.72
C LYS C 63 -41.37 -9.32 -3.91
N MET C 64 -41.99 -9.80 -4.99
CA MET C 64 -41.29 -10.15 -6.21
C MET C 64 -41.19 -8.91 -7.10
N TYR C 65 -39.95 -8.52 -7.43
CA TYR C 65 -39.70 -7.37 -8.29
C TYR C 65 -39.28 -7.85 -9.66
N PRO C 66 -39.92 -7.36 -10.73
CA PRO C 66 -39.55 -7.81 -12.08
C PRO C 66 -38.20 -7.27 -12.51
N GLN C 67 -37.54 -8.04 -13.39
CA GLN C 67 -36.22 -7.74 -13.91
C GLN C 67 -36.28 -7.57 -15.42
N TYR C 68 -35.62 -6.54 -15.92
CA TYR C 68 -35.62 -6.24 -17.35
C TYR C 68 -34.18 -6.07 -17.83
N ARG C 69 -33.74 -6.96 -18.71
CA ARG C 69 -32.59 -6.69 -19.55
C ARG C 69 -33.00 -5.95 -20.81
N CYS C 70 -34.29 -5.67 -20.94
CA CYS C 70 -34.89 -5.10 -22.12
C CYS C 70 -35.34 -3.67 -21.85
N SER C 71 -35.79 -3.02 -22.92
CA SER C 71 -36.42 -1.70 -22.84
C SER C 71 -37.40 -1.58 -23.99
N PRO C 72 -38.39 -0.69 -23.88
CA PRO C 72 -39.31 -0.47 -25.00
C PRO C 72 -38.56 -0.10 -26.28
N PRO C 73 -39.17 -0.25 -27.45
CA PRO C 73 -38.44 0.02 -28.69
C PRO C 73 -38.01 1.47 -28.81
N VAL C 74 -36.84 1.67 -29.41
CA VAL C 74 -36.32 3.01 -29.67
C VAL C 74 -36.85 3.49 -31.01
N THR C 75 -37.46 4.67 -31.02
CA THR C 75 -38.09 5.19 -32.23
C THR C 75 -37.70 6.64 -32.46
N ALA C 76 -38.38 7.30 -33.42
CA ALA C 76 -38.08 8.69 -33.72
C ALA C 76 -38.23 9.57 -32.49
N SER C 77 -39.19 9.26 -31.63
CA SER C 77 -39.32 10.00 -30.36
C SER C 77 -39.82 9.00 -29.31
N THR C 78 -38.87 8.42 -28.58
CA THR C 78 -39.13 7.32 -27.67
C THR C 78 -39.68 7.84 -26.35
N ARG C 79 -40.77 7.24 -25.89
CA ARG C 79 -41.39 7.68 -24.65
C ARG C 79 -40.67 7.09 -23.44
N ALA C 80 -40.56 7.89 -22.38
CA ALA C 80 -39.83 7.50 -21.19
C ALA C 80 -40.26 8.37 -20.02
N VAL C 81 -39.77 8.00 -18.84
CA VAL C 81 -40.04 8.73 -17.60
C VAL C 81 -38.73 9.38 -17.15
N LEU C 82 -38.73 10.70 -17.07
CA LEU C 82 -37.51 11.40 -16.67
C LEU C 82 -37.40 11.40 -15.14
N THR C 83 -36.20 11.11 -14.66
CA THR C 83 -35.92 10.93 -13.25
C THR C 83 -34.77 11.83 -12.87
N LEU C 84 -34.68 12.19 -11.59
CA LEU C 84 -33.63 13.06 -11.09
C LEU C 84 -32.60 12.26 -10.30
N ASN C 85 -31.33 12.61 -10.49
CA ASN C 85 -30.22 11.96 -9.81
C ASN C 85 -29.00 12.88 -9.91
N SER C 86 -28.06 12.68 -9.00
CA SER C 86 -26.75 13.32 -9.07
C SER C 86 -25.70 12.27 -9.29
N PHE C 87 -24.75 12.58 -10.16
CA PHE C 87 -23.64 11.72 -10.49
C PHE C 87 -22.36 12.16 -9.81
N GLU C 88 -22.46 13.02 -8.81
CA GLU C 88 -21.31 13.43 -8.03
C GLU C 88 -20.98 12.37 -6.98
N LYS C 89 -19.82 12.54 -6.34
CA LYS C 89 -19.34 11.71 -5.25
C LYS C 89 -19.90 12.27 -3.95
N GLY C 90 -19.20 12.10 -2.84
CA GLY C 90 -19.45 12.92 -1.67
C GLY C 90 -20.70 12.52 -0.91
N LYS C 91 -20.97 11.22 -0.80
CA LYS C 91 -21.96 10.68 0.12
C LYS C 91 -21.62 9.22 0.41
N ASP C 92 -22.66 8.40 0.60
CA ASP C 92 -22.55 7.06 1.18
C ASP C 92 -21.27 6.34 0.79
N GLY C 93 -20.87 6.40 -0.48
CA GLY C 93 -19.87 5.47 -0.95
C GLY C 93 -20.27 4.68 -2.18
N GLY C 94 -21.11 5.29 -3.03
CA GLY C 94 -21.35 4.74 -4.34
C GLY C 94 -20.22 5.06 -5.30
N GLY C 95 -20.23 4.36 -6.42
CA GLY C 95 -19.14 4.44 -7.38
C GLY C 95 -19.38 5.40 -8.53
N PRO C 96 -18.40 5.50 -9.43
CA PRO C 96 -18.54 6.38 -10.60
C PRO C 96 -19.52 5.84 -11.63
N SER C 97 -19.63 6.54 -12.76
CA SER C 97 -20.53 6.13 -13.83
C SER C 97 -19.92 4.99 -14.62
N GLU C 98 -20.78 4.23 -15.30
CA GLU C 98 -20.34 2.97 -15.89
C GLU C 98 -19.54 3.16 -17.18
N CYS C 99 -19.80 4.22 -17.94
CA CYS C 99 -19.20 4.34 -19.26
C CYS C 99 -17.78 4.88 -19.22
N ASP C 100 -17.50 5.81 -18.30
CA ASP C 100 -16.22 6.50 -18.32
C ASP C 100 -15.47 6.45 -16.98
N ASN C 101 -15.93 5.65 -16.02
CA ASN C 101 -15.28 5.55 -14.72
C ASN C 101 -15.04 6.94 -14.12
N ALA C 102 -16.10 7.75 -14.10
CA ALA C 102 -15.94 9.10 -13.60
C ALA C 102 -17.24 9.58 -12.95
N TYR C 103 -17.08 10.60 -12.12
CA TYR C 103 -18.20 11.33 -11.54
C TYR C 103 -18.48 12.56 -12.37
N HIS C 104 -19.73 13.03 -12.34
CA HIS C 104 -20.15 14.12 -13.21
C HIS C 104 -20.87 15.18 -12.39
N SER C 105 -20.51 16.43 -12.63
CA SER C 105 -21.08 17.55 -11.90
C SER C 105 -22.58 17.65 -12.14
N ASP C 106 -23.30 18.08 -11.09
CA ASP C 106 -24.71 18.39 -11.25
C ASP C 106 -24.95 19.46 -12.31
N GLN C 107 -23.93 20.26 -12.60
CA GLN C 107 -24.03 21.30 -13.64
C GLN C 107 -23.79 20.75 -15.03
N GLU C 108 -23.27 19.53 -15.16
CA GLU C 108 -23.12 18.88 -16.45
C GLU C 108 -24.40 18.13 -16.80
N LYS C 109 -24.80 18.21 -18.06
CA LYS C 109 -26.03 17.59 -18.55
C LYS C 109 -25.73 16.14 -18.92
N VAL C 110 -25.99 15.23 -18.00
CA VAL C 110 -25.70 13.81 -18.21
C VAL C 110 -26.93 13.00 -17.80
N VAL C 111 -27.09 11.83 -18.44
CA VAL C 111 -28.20 10.94 -18.15
C VAL C 111 -27.70 9.52 -18.03
N ALA C 112 -28.52 8.68 -17.40
CA ALA C 112 -28.34 7.24 -17.39
C ALA C 112 -29.59 6.58 -17.95
N LEU C 113 -29.41 5.48 -18.66
CA LEU C 113 -30.52 4.82 -19.33
C LEU C 113 -30.83 3.47 -18.70
N SER C 114 -32.10 3.07 -18.81
CA SER C 114 -32.50 1.72 -18.47
C SER C 114 -31.62 0.71 -19.19
N THR C 115 -31.36 -0.41 -18.51
CA THR C 115 -30.47 -1.47 -19.00
C THR C 115 -30.66 -1.78 -20.47
N GLY C 116 -31.91 -1.88 -20.92
CA GLY C 116 -32.19 -2.14 -22.31
C GLY C 116 -31.68 -1.06 -23.24
N TRP C 117 -32.13 0.18 -23.01
CA TRP C 117 -31.65 1.30 -23.81
C TRP C 117 -30.14 1.47 -23.69
N PHE C 118 -29.55 1.06 -22.57
CA PHE C 118 -28.13 1.24 -22.29
C PHE C 118 -27.21 0.31 -23.10
N SER C 119 -27.72 -0.38 -24.11
CA SER C 119 -27.59 -1.85 -24.27
C SER C 119 -26.44 -2.47 -23.46
N ASN C 120 -25.22 -2.52 -24.00
CA ASN C 120 -24.07 -3.03 -23.28
C ASN C 120 -22.98 -1.99 -23.47
N MET C 121 -23.37 -0.74 -23.24
CA MET C 121 -22.57 0.46 -23.41
C MET C 121 -22.51 0.91 -24.87
N ALA C 122 -23.45 0.47 -25.72
CA ALA C 122 -23.46 0.92 -27.11
C ALA C 122 -23.81 2.40 -27.26
N ARG C 123 -24.38 3.03 -26.23
CA ARG C 123 -24.75 4.44 -26.32
C ARG C 123 -23.92 5.30 -25.38
N CYS C 124 -22.78 4.79 -24.90
CA CYS C 124 -21.98 5.54 -23.95
C CYS C 124 -21.26 6.67 -24.66
N GLY C 125 -21.38 7.88 -24.09
CA GLY C 125 -20.86 9.06 -24.75
C GLY C 125 -21.76 9.63 -25.81
N HIS C 126 -22.85 8.95 -26.15
CA HIS C 126 -23.77 9.45 -27.15
C HIS C 126 -24.54 10.64 -26.61
N ARG C 127 -24.86 11.59 -27.47
CA ARG C 127 -25.83 12.60 -27.07
C ARG C 127 -27.21 12.31 -27.59
N ILE C 128 -28.15 12.56 -26.72
CA ILE C 128 -29.56 12.38 -27.02
C ILE C 128 -30.25 13.70 -26.79
N LYS C 129 -31.36 13.85 -27.51
CA LYS C 129 -32.26 14.96 -27.33
C LYS C 129 -33.41 14.50 -26.46
N ILE C 130 -33.79 15.35 -25.50
CA ILE C 130 -34.88 15.07 -24.57
C ILE C 130 -35.92 16.18 -24.71
N SER C 131 -37.19 15.80 -24.86
CA SER C 131 -38.27 16.76 -25.04
C SER C 131 -39.33 16.57 -23.98
N ALA C 132 -39.74 17.66 -23.36
CA ALA C 132 -40.72 17.65 -22.28
C ALA C 132 -42.05 18.21 -22.76
N ALA C 133 -43.09 17.99 -21.93
CA ALA C 133 -44.43 18.38 -22.32
C ALA C 133 -44.61 19.89 -22.37
N ASN C 134 -43.82 20.64 -21.60
CA ASN C 134 -43.91 22.10 -21.62
C ASN C 134 -43.41 22.71 -22.93
N GLY C 135 -42.92 21.89 -23.86
CA GLY C 135 -42.49 22.37 -25.16
C GLY C 135 -41.00 22.56 -25.31
N ASN C 136 -40.20 22.27 -24.29
CA ASN C 136 -38.77 22.52 -24.33
C ASN C 136 -38.00 21.24 -24.67
N SER C 137 -36.74 21.44 -25.07
CA SER C 137 -35.83 20.34 -25.39
C SER C 137 -34.44 20.67 -24.87
N VAL C 138 -33.60 19.65 -24.88
CA VAL C 138 -32.21 19.76 -24.43
C VAL C 138 -31.45 18.54 -24.93
N TYR C 139 -30.14 18.67 -25.11
CA TYR C 139 -29.28 17.53 -25.32
C TYR C 139 -28.57 17.18 -24.01
N ALA C 140 -28.28 15.89 -23.85
CA ALA C 140 -27.53 15.42 -22.70
C ALA C 140 -26.68 14.24 -23.15
N LYS C 141 -25.63 13.96 -22.38
CA LYS C 141 -24.70 12.90 -22.71
C LYS C 141 -25.00 11.66 -21.86
N VAL C 142 -25.10 10.51 -22.52
CA VAL C 142 -25.26 9.24 -21.82
C VAL C 142 -23.95 8.87 -21.16
N VAL C 143 -23.98 8.62 -19.85
CA VAL C 143 -22.75 8.26 -19.14
C VAL C 143 -22.92 7.05 -18.22
N ASP C 144 -24.16 6.64 -17.96
CA ASP C 144 -24.39 5.62 -16.94
C ASP C 144 -25.56 4.72 -17.34
N GLU C 145 -25.72 3.64 -16.58
CA GLU C 145 -26.82 2.70 -16.72
C GLU C 145 -27.73 2.79 -15.52
N CYS C 146 -29.05 2.79 -15.77
CA CYS C 146 -30.04 2.65 -14.70
C CYS C 146 -30.39 1.16 -14.60
N ASP C 147 -29.72 0.46 -13.68
CA ASP C 147 -29.76 -0.99 -13.59
C ASP C 147 -31.19 -1.49 -13.30
N SER C 148 -31.83 -2.11 -14.29
CA SER C 148 -33.18 -2.64 -14.14
C SER C 148 -33.18 -4.14 -13.88
N VAL C 149 -32.06 -4.69 -13.42
CA VAL C 149 -31.96 -6.10 -13.09
C VAL C 149 -31.65 -6.29 -11.61
N HIS C 150 -30.66 -5.58 -11.10
CA HIS C 150 -30.13 -5.83 -9.77
C HIS C 150 -30.77 -4.89 -8.75
N GLY C 151 -30.73 -5.31 -7.49
CA GLY C 151 -31.35 -4.54 -6.42
C GLY C 151 -31.64 -5.41 -5.21
N CYS C 152 -32.06 -4.73 -4.14
CA CYS C 152 -32.43 -5.36 -2.87
C CYS C 152 -31.30 -6.23 -2.30
N ASP C 153 -30.06 -5.92 -2.63
CA ASP C 153 -28.90 -6.44 -1.92
C ASP C 153 -28.19 -5.27 -1.25
N ASP C 154 -27.04 -5.51 -0.62
CA ASP C 154 -26.37 -4.42 0.09
C ASP C 154 -25.73 -3.42 -0.85
N GLU C 155 -25.27 -3.87 -2.02
CA GLU C 155 -24.55 -2.98 -2.93
C GLU C 155 -25.45 -1.86 -3.42
N HIS C 156 -26.69 -2.17 -3.77
CA HIS C 156 -27.73 -1.17 -3.86
C HIS C 156 -28.24 -0.92 -2.45
N ASN C 157 -28.79 0.25 -2.19
CA ASN C 157 -29.10 0.49 -0.78
C ASN C 157 -30.40 -0.22 -0.41
N PHE C 158 -30.44 -1.53 -0.65
CA PHE C 158 -31.63 -2.36 -0.46
C PHE C 158 -32.84 -1.75 -1.15
N GLU C 159 -32.62 -1.20 -2.34
CA GLU C 159 -33.63 -0.59 -3.19
C GLU C 159 -33.91 -1.45 -4.42
N PRO C 160 -35.09 -1.33 -5.01
CA PRO C 160 -35.49 -2.23 -6.09
C PRO C 160 -34.75 -1.90 -7.37
N PRO C 161 -34.82 -2.79 -8.38
CA PRO C 161 -34.25 -2.44 -9.68
C PRO C 161 -34.92 -1.21 -10.25
N CYS C 162 -34.13 -0.46 -11.02
CA CYS C 162 -34.69 0.58 -11.87
C CYS C 162 -35.76 -0.02 -12.77
N ASP C 163 -36.72 0.79 -13.17
CA ASP C 163 -37.62 0.32 -14.21
C ASP C 163 -36.88 0.30 -15.54
N ASN C 164 -37.43 -0.43 -16.49
CA ASN C 164 -37.07 -0.08 -17.86
C ASN C 164 -37.77 1.23 -18.21
N ASN C 165 -37.44 1.79 -19.37
CA ASN C 165 -38.04 3.02 -19.89
C ASN C 165 -37.73 4.26 -19.03
N ILE C 166 -36.61 4.25 -18.30
CA ILE C 166 -36.23 5.38 -17.43
C ILE C 166 -35.05 6.13 -18.04
N VAL C 167 -35.13 7.46 -17.99
CA VAL C 167 -34.01 8.36 -18.30
C VAL C 167 -33.69 9.09 -17.01
N ASP C 168 -32.53 8.80 -16.43
CA ASP C 168 -32.12 9.31 -15.11
C ASP C 168 -31.14 10.46 -15.30
N ALA C 169 -31.56 11.68 -14.99
CA ALA C 169 -30.89 12.88 -15.46
C ALA C 169 -30.38 13.75 -14.30
N SER C 170 -29.27 14.44 -14.57
CA SER C 170 -28.66 15.36 -13.62
C SER C 170 -29.56 16.58 -13.42
N PRO C 171 -29.32 17.38 -12.37
CA PRO C 171 -30.12 18.60 -12.20
C PRO C 171 -29.98 19.60 -13.33
N ALA C 172 -28.87 19.58 -14.08
CA ALA C 172 -28.71 20.49 -15.21
C ALA C 172 -29.73 20.20 -16.31
N VAL C 173 -30.00 18.91 -16.57
CA VAL C 173 -31.00 18.56 -17.59
C VAL C 173 -32.37 19.11 -17.21
N TRP C 174 -32.70 19.05 -15.92
CA TRP C 174 -33.98 19.55 -15.47
C TRP C 174 -34.05 21.07 -15.61
N ASP C 175 -32.98 21.77 -15.23
CA ASP C 175 -32.96 23.22 -15.35
C ASP C 175 -33.09 23.65 -16.81
N ALA C 176 -32.36 22.99 -17.70
CA ALA C 176 -32.41 23.34 -19.12
C ALA C 176 -33.80 23.10 -19.69
N LEU C 177 -34.48 22.06 -19.22
CA LEU C 177 -35.86 21.81 -19.62
C LEU C 177 -36.85 22.75 -18.95
N GLY C 178 -36.46 23.39 -17.85
CA GLY C 178 -37.38 24.24 -17.12
C GLY C 178 -38.44 23.47 -16.35
N LEU C 179 -38.09 22.33 -15.75
CA LEU C 179 -38.99 21.50 -14.98
C LEU C 179 -38.70 21.69 -13.50
N ASP C 180 -39.69 21.37 -12.66
CA ASP C 180 -39.64 21.79 -11.26
C ASP C 180 -38.62 21.01 -10.45
N GLN C 181 -38.45 19.71 -10.72
CA GLN C 181 -37.47 18.86 -10.06
C GLN C 181 -38.00 18.51 -8.65
N ASN C 182 -39.21 18.95 -8.32
CA ASN C 182 -39.95 18.42 -7.18
C ASN C 182 -41.09 17.49 -7.65
N VAL C 183 -41.33 17.39 -8.97
CA VAL C 183 -42.26 16.40 -9.53
C VAL C 183 -41.56 15.11 -9.78
N GLY C 184 -40.25 15.26 -9.92
CA GLY C 184 -39.35 14.18 -9.75
C GLY C 184 -39.45 13.01 -10.70
N MET C 185 -40.62 12.81 -11.35
CA MET C 185 -40.80 11.98 -12.55
C MET C 185 -41.70 12.82 -13.44
N VAL C 186 -41.35 12.93 -14.72
CA VAL C 186 -42.20 13.59 -15.72
C VAL C 186 -42.19 12.66 -16.92
N ASP C 187 -43.25 12.73 -17.73
CA ASP C 187 -43.27 12.03 -19.00
C ASP C 187 -42.49 12.84 -20.04
N ILE C 188 -41.61 12.17 -20.77
CA ILE C 188 -40.77 12.81 -21.77
C ILE C 188 -40.68 11.91 -23.00
N THR C 189 -40.11 12.49 -24.07
CA THR C 189 -39.70 11.78 -25.25
C THR C 189 -38.20 11.97 -25.44
N TRP C 190 -37.54 11.00 -26.08
CA TRP C 190 -36.13 11.14 -26.36
C TRP C 190 -35.78 10.51 -27.70
N SER C 191 -34.79 11.10 -28.36
CA SER C 191 -34.38 10.73 -29.70
C SER C 191 -32.86 10.59 -29.75
N GLU C 192 -32.37 9.92 -30.81
CA GLU C 192 -30.96 9.95 -31.14
C GLU C 192 -30.72 10.36 -32.60
N GLN C 193 -31.73 10.92 -33.27
CA GLN C 193 -31.59 11.34 -34.66
C GLN C 193 -30.87 12.68 -34.76
N HIS C 194 -30.16 12.85 -35.87
CA HIS C 194 -29.32 14.02 -36.07
C HIS C 194 -30.13 15.22 -36.53
N HIS C 195 -29.45 16.37 -36.59
CA HIS C 195 -30.04 17.66 -36.96
C HIS C 195 -29.25 18.26 -38.11
N HIS C 196 -29.84 19.29 -38.72
CA HIS C 196 -29.27 20.00 -39.87
C HIS C 196 -28.83 21.40 -39.46
N HIS C 197 -27.78 21.90 -40.11
CA HIS C 197 -27.28 23.26 -39.87
C HIS C 197 -27.28 24.08 -41.17
N HIS C 198 -26.70 25.28 -41.07
CA HIS C 198 -26.62 26.24 -42.18
C HIS C 198 -25.33 27.05 -42.14
N THR D 36 37.85 22.48 27.12
CA THR D 36 37.90 22.94 25.74
C THR D 36 37.67 21.76 24.80
N CYS D 37 37.70 21.99 23.49
CA CYS D 37 37.12 21.04 22.55
C CYS D 37 38.08 20.60 21.46
N ARG D 38 38.09 19.29 21.19
CA ARG D 38 38.87 18.70 20.11
C ARG D 38 37.99 17.69 19.36
N ALA D 39 38.49 17.25 18.21
CA ALA D 39 37.70 16.41 17.32
C ALA D 39 37.56 15.00 17.87
N SER D 40 36.41 14.38 17.59
CA SER D 40 36.12 13.03 18.03
C SER D 40 36.66 11.97 17.08
N GLY D 41 37.08 12.36 15.89
CA GLY D 41 37.49 11.41 14.88
C GLY D 41 37.62 12.12 13.55
N TYR D 42 37.95 11.34 12.52
CA TYR D 42 38.20 11.90 11.20
C TYR D 42 37.49 11.08 10.14
N LEU D 43 37.32 11.71 8.98
CA LEU D 43 36.42 11.23 7.94
C LEU D 43 37.15 11.26 6.60
N PRO D 44 37.33 10.12 5.94
CA PRO D 44 37.94 10.13 4.60
C PRO D 44 36.95 10.64 3.56
N GLY D 45 37.29 11.77 2.94
CA GLY D 45 36.37 12.38 1.99
C GLY D 45 36.20 11.55 0.73
N ARG D 46 35.02 11.71 0.10
CA ARG D 46 34.66 10.96 -1.10
C ARG D 46 33.79 11.86 -1.97
N SER D 47 34.27 12.19 -3.18
CA SER D 47 33.50 13.07 -4.05
C SER D 47 32.20 12.43 -4.51
N GLY D 48 32.20 11.11 -4.77
CA GLY D 48 31.01 10.48 -5.33
C GLY D 48 30.60 11.17 -6.61
N ASN D 49 29.29 11.38 -6.77
CA ASN D 49 28.79 12.17 -7.90
C ASN D 49 28.49 13.60 -7.44
N CYS D 50 29.52 14.30 -6.97
CA CYS D 50 29.19 15.51 -6.21
C CYS D 50 28.88 16.72 -7.08
N GLU D 51 29.10 16.67 -8.40
CA GLU D 51 28.73 17.77 -9.27
C GLU D 51 29.45 19.05 -8.86
N LYS D 52 30.78 19.01 -9.02
CA LYS D 52 31.61 20.10 -8.51
C LYS D 52 31.27 21.43 -9.16
N SER D 53 31.00 21.44 -10.47
CA SER D 53 30.85 22.67 -11.23
C SER D 53 29.72 23.56 -10.72
N ASN D 54 28.89 23.05 -9.80
CA ASN D 54 27.91 23.88 -9.12
C ASN D 54 28.02 23.86 -7.60
N ASP D 55 28.82 22.98 -7.02
CA ASP D 55 29.00 22.97 -5.56
C ASP D 55 30.48 22.91 -5.20
N PRO D 56 31.08 24.05 -4.87
CA PRO D 56 32.48 24.07 -4.42
C PRO D 56 32.73 23.46 -3.04
N ASP D 57 31.71 22.91 -2.38
CA ASP D 57 31.85 22.46 -1.01
C ASP D 57 31.98 20.95 -0.89
N CYS D 58 31.94 20.23 -2.01
CA CYS D 58 32.08 18.79 -2.05
C CYS D 58 33.30 18.30 -1.30
N CYS D 59 33.16 17.12 -0.68
CA CYS D 59 34.31 16.42 -0.10
C CYS D 59 35.33 16.18 -1.19
N GLU D 60 36.57 16.59 -0.97
CA GLU D 60 37.54 16.64 -2.05
C GLU D 60 38.31 15.32 -2.23
N ASP D 61 37.78 14.20 -1.73
CA ASP D 61 38.28 12.87 -2.08
C ASP D 61 39.70 12.55 -1.62
N GLY D 62 39.83 12.11 -0.38
CA GLY D 62 41.11 11.77 0.18
C GLY D 62 41.59 12.81 1.14
N LYS D 63 40.76 13.81 1.42
CA LYS D 63 40.98 14.75 2.50
C LYS D 63 40.36 14.20 3.76
N MET D 64 41.00 14.50 4.89
CA MET D 64 40.51 14.08 6.19
C MET D 64 39.64 15.20 6.77
N TYR D 65 38.37 14.89 7.01
CA TYR D 65 37.47 15.89 7.57
C TYR D 65 37.25 15.60 9.04
N PRO D 66 37.46 16.58 9.90
CA PRO D 66 37.28 16.35 11.34
C PRO D 66 35.82 16.16 11.72
N GLN D 67 35.60 15.35 12.74
CA GLN D 67 34.29 15.06 13.28
C GLN D 67 34.18 15.64 14.68
N TYR D 68 33.04 16.29 14.96
CA TYR D 68 32.80 16.89 16.27
C TYR D 68 31.45 16.42 16.79
N ARG D 69 31.47 15.67 17.88
CA ARG D 69 30.29 15.54 18.73
C ARG D 69 30.27 16.65 19.78
N CYS D 70 31.16 17.61 19.64
CA CYS D 70 31.40 18.66 20.61
C CYS D 70 31.11 20.02 19.97
N SER D 71 31.12 21.05 20.80
CA SER D 71 30.94 22.43 20.36
C SER D 71 31.53 23.35 21.41
N PRO D 72 31.92 24.57 21.03
CA PRO D 72 32.50 25.52 22.00
C PRO D 72 31.56 25.75 23.17
N PRO D 73 32.09 26.17 24.32
CA PRO D 73 31.25 26.30 25.52
C PRO D 73 30.11 27.29 25.32
N VAL D 74 28.97 26.98 25.93
CA VAL D 74 27.80 27.85 25.90
C VAL D 74 27.93 28.85 27.03
N THR D 75 27.84 30.14 26.70
CA THR D 75 28.02 31.21 27.69
C THR D 75 26.88 32.21 27.65
N ALA D 76 27.05 33.32 28.39
CA ALA D 76 26.04 34.37 28.40
C ALA D 76 25.81 34.93 26.99
N SER D 77 26.86 34.97 26.17
CA SER D 77 26.69 35.29 24.74
C SER D 77 27.70 34.46 23.94
N THR D 78 27.22 33.32 23.46
CA THR D 78 28.02 32.32 22.77
C THR D 78 28.21 32.74 21.31
N ARG D 79 29.46 32.85 20.87
CA ARG D 79 29.74 33.24 19.50
C ARG D 79 29.54 32.06 18.55
N ALA D 80 28.99 32.36 17.38
CA ALA D 80 28.70 31.34 16.38
C ALA D 80 28.71 31.97 14.99
N VAL D 81 28.63 31.11 13.98
CA VAL D 81 28.53 31.54 12.60
C VAL D 81 27.10 31.29 12.13
N LEU D 82 26.41 32.35 11.75
CA LEU D 82 25.05 32.21 11.25
C LEU D 82 25.09 31.82 9.78
N THR D 83 24.36 30.78 9.41
CA THR D 83 24.26 30.37 8.02
C THR D 83 22.80 30.37 7.59
N LEU D 84 22.58 30.17 6.30
CA LEU D 84 21.27 30.25 5.70
C LEU D 84 20.82 28.88 5.22
N ASN D 85 19.56 28.55 5.47
CA ASN D 85 19.00 27.28 5.06
C ASN D 85 17.49 27.39 5.00
N SER D 86 16.87 26.56 4.17
CA SER D 86 15.42 26.41 4.16
C SER D 86 15.06 25.05 4.74
N PHE D 87 14.08 25.03 5.64
CA PHE D 87 13.57 23.80 6.23
C PHE D 87 12.30 23.32 5.55
N GLU D 88 11.97 23.89 4.38
CA GLU D 88 10.82 23.49 3.62
C GLU D 88 11.12 22.19 2.87
N LYS D 89 10.06 21.53 2.42
CA LYS D 89 10.15 20.32 1.62
C LYS D 89 10.36 20.69 0.16
N GLY D 90 11.42 20.19 -0.46
CA GLY D 90 11.66 20.50 -1.85
C GLY D 90 12.75 19.66 -2.45
N LYS D 91 12.55 19.33 -3.73
CA LYS D 91 13.48 18.84 -4.75
C LYS D 91 14.14 17.55 -4.36
N ASP D 92 14.73 17.62 -3.18
CA ASP D 92 15.60 16.56 -2.72
C ASP D 92 14.77 15.63 -1.87
N GLY D 93 15.21 14.40 -1.77
CA GLY D 93 14.65 13.60 -0.72
C GLY D 93 15.32 13.92 0.60
N GLY D 94 15.29 15.20 1.01
CA GLY D 94 16.07 15.63 2.15
C GLY D 94 15.59 15.06 3.48
N GLY D 95 14.28 15.13 3.72
CA GLY D 95 13.74 14.71 4.99
C GLY D 95 13.52 15.85 5.95
N PRO D 96 12.59 15.67 6.88
CA PRO D 96 12.24 16.76 7.80
C PRO D 96 13.24 16.96 8.93
N SER D 97 12.91 17.83 9.88
CA SER D 97 13.83 18.21 10.94
C SER D 97 13.77 17.22 12.09
N GLU D 98 14.78 17.27 12.96
CA GLU D 98 15.00 16.17 13.89
C GLU D 98 14.17 16.29 15.16
N CYS D 99 13.90 17.50 15.63
CA CYS D 99 13.21 17.68 16.90
C CYS D 99 11.76 17.27 16.82
N ASP D 100 11.07 17.71 15.76
CA ASP D 100 9.74 17.28 15.41
C ASP D 100 9.80 16.71 14.00
N ASN D 101 8.90 15.79 13.70
CA ASN D 101 8.93 15.17 12.38
C ASN D 101 8.21 16.08 11.37
N ALA D 102 8.83 17.24 11.11
CA ALA D 102 8.12 18.30 10.43
C ALA D 102 9.04 19.11 9.52
N TYR D 103 8.43 19.77 8.55
CA TYR D 103 9.04 20.82 7.74
C TYR D 103 8.59 22.17 8.26
N HIS D 104 9.42 23.19 8.04
CA HIS D 104 9.17 24.50 8.59
C HIS D 104 9.32 25.56 7.51
N SER D 105 8.29 26.38 7.34
CA SER D 105 8.25 27.33 6.24
C SER D 105 9.23 28.48 6.49
N ASP D 106 9.77 29.02 5.40
CA ASP D 106 10.85 29.99 5.51
C ASP D 106 10.44 31.27 6.23
N GLN D 107 9.15 31.49 6.46
CA GLN D 107 8.74 32.63 7.27
C GLN D 107 8.64 32.30 8.75
N GLU D 108 8.82 31.04 9.13
CA GLU D 108 8.95 30.68 10.52
C GLU D 108 10.40 30.83 10.94
N LYS D 109 10.60 31.39 12.13
CA LYS D 109 11.94 31.63 12.67
C LYS D 109 12.41 30.36 13.37
N VAL D 110 13.20 29.57 12.66
CA VAL D 110 13.71 28.29 13.18
C VAL D 110 15.20 28.22 12.87
N VAL D 111 15.92 27.44 13.67
CA VAL D 111 17.36 27.24 13.46
C VAL D 111 17.73 25.79 13.74
N ALA D 112 18.89 25.41 13.21
CA ALA D 112 19.53 24.15 13.55
C ALA D 112 20.87 24.46 14.21
N LEU D 113 21.27 23.61 15.15
CA LEU D 113 22.52 23.76 15.87
C LEU D 113 23.46 22.60 15.55
N SER D 114 24.75 22.87 15.60
CA SER D 114 25.73 21.82 15.42
C SER D 114 25.74 20.90 16.64
N THR D 115 26.14 19.64 16.41
CA THR D 115 25.86 18.53 17.31
C THR D 115 26.19 18.83 18.77
N GLY D 116 27.30 19.51 19.02
CA GLY D 116 27.61 19.86 20.40
C GLY D 116 26.51 20.68 21.04
N TRP D 117 26.13 21.80 20.39
CA TRP D 117 25.04 22.61 20.89
C TRP D 117 23.70 21.89 20.80
N PHE D 118 23.51 21.08 19.77
CA PHE D 118 22.27 20.31 19.66
C PHE D 118 22.11 19.38 20.86
N SER D 119 23.20 18.77 21.31
CA SER D 119 23.29 18.09 22.60
C SER D 119 22.21 17.02 22.75
N ASN D 120 22.22 16.05 21.83
CA ASN D 120 21.31 14.90 21.86
C ASN D 120 19.85 15.32 22.09
N MET D 121 19.45 16.40 21.42
CA MET D 121 18.08 16.95 21.43
C MET D 121 17.71 17.66 22.73
N ALA D 122 18.69 17.98 23.58
CA ALA D 122 18.37 18.68 24.82
C ALA D 122 17.84 20.09 24.60
N ARG D 123 17.98 20.64 23.40
CA ARG D 123 17.55 22.01 23.12
C ARG D 123 16.42 22.06 22.11
N CYS D 124 15.79 20.93 21.81
CA CYS D 124 14.77 20.89 20.77
C CYS D 124 13.47 21.52 21.26
N GLY D 125 12.99 22.51 20.51
CA GLY D 125 11.89 23.33 20.93
C GLY D 125 12.30 24.59 21.66
N HIS D 126 13.51 24.64 22.21
CA HIS D 126 13.98 25.83 22.91
C HIS D 126 14.05 27.01 21.97
N ARG D 127 13.74 28.22 22.47
CA ARG D 127 14.04 29.42 21.70
C ARG D 127 15.25 30.09 22.27
N ILE D 128 16.10 30.52 21.36
CA ILE D 128 17.34 31.18 21.67
C ILE D 128 17.24 32.58 21.09
N LYS D 129 18.02 33.48 21.68
CA LYS D 129 18.12 34.84 21.20
C LYS D 129 19.42 34.97 20.41
N ILE D 130 19.33 35.49 19.19
CA ILE D 130 20.48 35.66 18.31
C ILE D 130 20.72 37.15 18.15
N SER D 131 21.97 37.57 18.34
CA SER D 131 22.36 38.97 18.27
C SER D 131 23.37 39.16 17.14
N ALA D 132 23.13 40.16 16.30
CA ALA D 132 24.02 40.47 15.18
C ALA D 132 24.79 41.75 15.46
N ALA D 133 25.85 41.96 14.66
CA ALA D 133 26.71 43.12 14.86
C ALA D 133 26.02 44.42 14.48
N ASN D 134 25.03 44.37 13.59
CA ASN D 134 24.27 45.57 13.25
C ASN D 134 23.40 46.06 14.40
N GLY D 135 23.40 45.38 15.53
CA GLY D 135 22.69 45.82 16.72
C GLY D 135 21.30 45.26 16.90
N ASN D 136 20.87 44.33 16.05
CA ASN D 136 19.53 43.75 16.12
C ASN D 136 19.56 42.39 16.81
N SER D 137 18.36 41.91 17.16
CA SER D 137 18.22 40.60 17.77
C SER D 137 16.91 39.97 17.35
N VAL D 138 16.83 38.65 17.52
CA VAL D 138 15.63 37.91 17.17
C VAL D 138 15.58 36.64 18.01
N TYR D 139 14.37 36.15 18.24
CA TYR D 139 14.15 34.85 18.86
C TYR D 139 13.91 33.81 17.78
N ALA D 140 14.45 32.61 17.99
CA ALA D 140 14.23 31.53 17.04
C ALA D 140 14.14 30.21 17.77
N LYS D 141 13.31 29.31 17.23
CA LYS D 141 13.12 28.00 17.80
C LYS D 141 14.21 27.05 17.30
N VAL D 142 14.81 26.29 18.20
CA VAL D 142 15.71 25.22 17.78
C VAL D 142 14.82 24.10 17.26
N VAL D 143 15.09 23.64 16.03
CA VAL D 143 14.23 22.63 15.44
C VAL D 143 14.99 21.52 14.71
N ASP D 144 16.29 21.66 14.42
CA ASP D 144 17.04 20.65 13.69
C ASP D 144 18.47 20.59 14.22
N GLU D 145 19.25 19.65 13.69
CA GLU D 145 20.66 19.48 14.00
C GLU D 145 21.51 19.74 12.76
N CYS D 146 22.63 20.44 12.93
CA CYS D 146 23.63 20.59 11.88
C CYS D 146 24.68 19.52 12.14
N ASP D 147 24.52 18.36 11.51
CA ASP D 147 25.35 17.19 11.78
C ASP D 147 26.83 17.50 11.55
N SER D 148 27.61 17.55 12.63
CA SER D 148 29.03 17.81 12.54
C SER D 148 29.85 16.52 12.64
N VAL D 149 29.24 15.38 12.34
CA VAL D 149 29.90 14.08 12.37
C VAL D 149 29.81 13.37 11.02
N HIS D 150 28.61 13.34 10.44
CA HIS D 150 28.36 12.55 9.23
C HIS D 150 28.48 13.41 7.98
N GLY D 151 28.78 12.76 6.87
CA GLY D 151 28.99 13.45 5.62
C GLY D 151 29.81 12.61 4.65
N CYS D 152 30.00 13.17 3.45
CA CYS D 152 30.79 12.54 2.39
C CYS D 152 30.22 11.19 1.97
N ASP D 153 28.91 10.99 2.12
CA ASP D 153 28.25 9.81 1.59
C ASP D 153 27.04 10.23 0.78
N ASP D 154 26.39 9.23 0.16
CA ASP D 154 25.27 9.50 -0.73
C ASP D 154 24.15 10.26 -0.03
N GLU D 155 23.96 10.02 1.26
CA GLU D 155 22.84 10.63 1.98
C GLU D 155 23.06 12.11 2.28
N HIS D 156 24.31 12.57 2.31
CA HIS D 156 24.63 13.96 2.60
C HIS D 156 25.08 14.72 1.35
N ASN D 157 24.58 14.32 0.18
CA ASN D 157 24.98 14.90 -1.11
C ASN D 157 26.49 14.89 -1.31
N PHE D 158 27.20 13.99 -0.63
CA PHE D 158 28.66 13.93 -0.69
C PHE D 158 29.29 15.25 -0.23
N GLU D 159 28.65 15.92 0.74
CA GLU D 159 29.14 17.14 1.35
C GLU D 159 29.68 16.87 2.75
N PRO D 160 30.61 17.69 3.24
CA PRO D 160 31.33 17.36 4.48
C PRO D 160 30.43 17.50 5.69
N PRO D 161 30.89 17.08 6.87
CA PRO D 161 30.17 17.40 8.10
C PRO D 161 30.09 18.91 8.30
N CYS D 162 28.94 19.34 8.83
CA CYS D 162 28.80 20.70 9.31
C CYS D 162 29.90 21.00 10.33
N ASP D 163 30.31 22.26 10.41
CA ASP D 163 31.23 22.61 11.48
C ASP D 163 30.50 22.54 12.82
N ASN D 164 31.26 22.43 13.90
CA ASN D 164 30.68 22.86 15.17
C ASN D 164 30.53 24.37 15.10
N ASN D 165 29.99 24.98 16.15
CA ASN D 165 29.89 26.42 16.27
C ASN D 165 29.00 27.08 15.21
N ILE D 166 28.11 26.34 14.56
CA ILE D 166 27.25 26.87 13.50
C ILE D 166 25.81 26.96 13.99
N VAL D 167 25.13 28.06 13.64
CA VAL D 167 23.70 28.23 13.84
C VAL D 167 23.07 28.41 12.46
N ASP D 168 22.29 27.43 12.02
CA ASP D 168 21.76 27.36 10.66
C ASP D 168 20.31 27.81 10.68
N ALA D 169 20.02 28.95 10.04
CA ALA D 169 18.76 29.66 10.26
C ALA D 169 17.93 29.79 8.98
N SER D 170 16.61 29.80 9.17
CA SER D 170 15.64 30.03 8.10
C SER D 170 15.71 31.48 7.61
N PRO D 171 15.14 31.76 6.43
CA PRO D 171 15.16 33.15 5.93
C PRO D 171 14.45 34.15 6.82
N ALA D 172 13.53 33.71 7.68
CA ALA D 172 12.84 34.65 8.55
C ALA D 172 13.77 35.20 9.63
N VAL D 173 14.74 34.39 10.08
CA VAL D 173 15.72 34.87 11.04
C VAL D 173 16.58 35.95 10.40
N TRP D 174 17.02 35.73 9.16
CA TRP D 174 17.85 36.71 8.46
C TRP D 174 17.08 38.00 8.22
N ASP D 175 15.81 37.90 7.84
CA ASP D 175 15.00 39.10 7.60
C ASP D 175 14.78 39.87 8.90
N ALA D 176 14.40 39.17 9.96
CA ALA D 176 14.16 39.83 11.23
C ALA D 176 15.41 40.53 11.75
N LEU D 177 16.58 39.97 11.48
CA LEU D 177 17.84 40.58 11.89
C LEU D 177 18.28 41.70 10.95
N GLY D 178 17.61 41.88 9.82
CA GLY D 178 18.03 42.88 8.86
C GLY D 178 19.34 42.56 8.17
N LEU D 179 19.62 41.28 7.95
CA LEU D 179 20.85 40.85 7.30
C LEU D 179 20.58 40.52 5.85
N ASP D 180 21.61 40.71 5.02
CA ASP D 180 21.53 40.41 3.60
C ASP D 180 21.79 38.92 3.40
N GLN D 181 20.80 38.21 2.85
CA GLN D 181 20.92 36.77 2.64
C GLN D 181 22.05 36.39 1.69
N ASN D 182 22.38 37.25 0.74
CA ASN D 182 23.50 36.97 -0.14
C ASN D 182 24.82 37.03 0.62
N VAL D 183 24.78 37.29 1.92
CA VAL D 183 25.95 37.27 2.76
C VAL D 183 26.07 35.96 3.48
N GLY D 184 25.52 34.88 2.89
CA GLY D 184 25.96 33.52 3.16
C GLY D 184 26.37 33.12 4.56
N MET D 185 27.26 33.86 5.21
CA MET D 185 27.61 33.64 6.63
C MET D 185 28.01 34.95 7.35
N VAL D 186 27.56 35.09 8.61
CA VAL D 186 27.89 36.24 9.46
C VAL D 186 28.26 35.76 10.85
N ASP D 187 29.09 36.55 11.54
CA ASP D 187 29.40 36.30 12.95
C ASP D 187 28.26 36.83 13.82
N ILE D 188 27.82 36.04 14.78
CA ILE D 188 26.78 36.42 15.72
C ILE D 188 27.11 35.85 17.08
N THR D 189 26.32 36.24 18.07
CA THR D 189 26.29 35.59 19.38
C THR D 189 24.88 35.08 19.63
N TRP D 190 24.77 34.05 20.47
CA TRP D 190 23.46 33.54 20.86
C TRP D 190 23.49 33.14 22.34
N SER D 191 22.33 33.23 22.97
CA SER D 191 22.19 32.82 24.36
C SER D 191 20.80 32.21 24.57
N GLU D 192 20.65 31.51 25.69
CA GLU D 192 19.36 30.99 26.11
C GLU D 192 18.86 31.72 27.35
N GLN D 193 19.43 32.88 27.64
CA GLN D 193 18.96 33.68 28.76
C GLN D 193 17.63 34.34 28.42
N HIS D 194 16.91 34.68 29.47
CA HIS D 194 15.51 35.02 29.34
C HIS D 194 15.29 36.45 28.82
N HIS D 195 15.72 37.45 29.58
CA HIS D 195 15.55 38.86 29.22
C HIS D 195 14.09 39.17 28.86
N HIS D 196 13.19 38.71 29.73
CA HIS D 196 11.77 38.57 29.53
C HIS D 196 10.91 39.18 30.61
N HIS D 197 11.49 39.75 31.67
CA HIS D 197 10.81 39.88 32.96
C HIS D 197 9.98 41.15 33.13
N HIS D 198 9.41 41.73 32.07
CA HIS D 198 8.39 42.77 32.26
C HIS D 198 7.30 42.77 31.19
#